data_6UYG
#
_entry.id   6UYG
#
_cell.length_a   209.824
_cell.length_b   209.824
_cell.length_c   139.942
_cell.angle_alpha   90.000
_cell.angle_beta   90.000
_cell.angle_gamma   120.000
#
_symmetry.space_group_name_H-M   'P 63 2 2'
#
loop_
_entity.id
_entity.type
_entity.pdbx_description
1 polymer 'Envelope glycoprotein E2'
2 polymer 'Fab AR3A heavy chain'
3 polymer 'Fab AR3A light chain'
4 polymer 'Fab E1 heavy chain'
5 polymer 'Fab E1 light chain'
6 polymer 'Immunoglobulin G-binding protein G'
7 branched 2-acetamido-2-deoxy-beta-D-glucopyranose-(1-4)-2-acetamido-2-deoxy-beta-D-glucopyranose
8 non-polymer 2-acetamido-2-deoxy-beta-D-glucopyranose
#
loop_
_entity_poly.entity_id
_entity_poly.type
_entity_poly.pdbx_seq_one_letter_code
_entity_poly.pdbx_strand_id
1 'polypeptide(L)'
;QLINTNGSWHINRTALNCNDSLQTGFITSLFYAKNVDSSGCPERMAACGSSGCWHYAPRPCDVVSARTVCGPVYCFTPSP
VVVGTTDKLGIPTYNWGENETDVFMLESLRPPTGGWFGCTWMNSTGFTKTCGAPPGGPTDGGSGPWITPRCLVDYPYRLW
HYPCTVNFTLHKVRMFVGGIEHRFDAACN
;
E
2 'polypeptide(L)'
;VQLLEQSGAEVKTPGSSVRVSCRPPGGNFNSYSINWVRQAPGHGLEWVGTFIPMFGTSKYAQKFQGRVTITADGSSGTAY
MDLNSLRSDDTAFYYCVRPETPRYCSGGFCYGEFDNWGQGTLVTVSSASTKGPSVFPLAPSSKSTSGGTAALGCLVKDYF
PEPVTVSWNSGALTSGVHTFPAVLQSSGLYSLSSVVTVPSSSLGTQTYICNVNHKPSNTKVDKKVEPKSCGS
;
H
3 'polypeptide(L)'
;ELTLTQSPGTLSLSPGKRATLSCRASQSVSGSYLAWYQQKPGQAPRLLIYGASNRATGIPHRFSGSGSGTDFTLTISRLE
PEDFAVYYCQQYGSSPTFGQGTRVDIKRTVAAPSVFIFPPSDEQLKSGTASVVCLLNNFYPREAKVQWKVDNALQSGNSQ
ESVTEQDSKDSTYSLSSTLTLSKADYEKHKVYACEVTHQGLSSPVTKSFNRGEC
;
L
4 'polypeptide(L)'
;EVQLLEQSGAELKKPGSSVKVSCKPSDGTFRAYTLSWVRQAPGQTLEWMGRIMPTVGITNYAQKFQGRVTISADMSTATA
YMELSSLRSDDTAIYYCAKGPYVGLGEGFSEWGQGTLVTVSSASTKGPSVFPLAPSSKSTSGGTAALGCLVKDYFPEPVT
VSWNSGALTSGVHTFPAVLQSSGLYSLSSVVTVPSSSLGTQTYICNVNHKPSNTKVDKKVEPKSCGS
;
A
5 'polypeptide(L)'
;ELVLTQSPLSLPVTLGQPASISCRSTQSLVYSDGNTYLNWFHQRAGQPPRRLIYKVSNRDSGVPERFSGSGSGTDFTLKI
SRVEAEDVGIYYCMQGAHWPPTFGGGTKVEINRTVAAPSVFIFPPSDEQLKSGTASVVCLLNNFYPREAKVQWKVDNALQ
SGNSQESVTEQDSKDSTYSLSSTLTLSKADYEKHKVYACEVTHQGLSSPVTKSFNRGEC
;
B
6 'polypeptide(L)' MTPAVTTYKLVINGKTLKGETTTKAVDAETAEKAFKQYANDNGVDGVWTYDDATKTFTVTE G
#
loop_
_chem_comp.id
_chem_comp.type
_chem_comp.name
_chem_comp.formula
NAG D-saccharide, beta linking 2-acetamido-2-deoxy-beta-D-glucopyranose 'C8 H15 N O6'
#
# COMPACT_ATOMS: atom_id res chain seq x y z
N HIS A 10 3.19 -2.59 2.19
CA HIS A 10 3.86 -3.89 2.25
C HIS A 10 3.34 -4.85 1.18
N ILE A 11 2.02 -5.00 1.12
CA ILE A 11 1.41 -5.89 0.14
C ILE A 11 1.53 -5.37 -1.28
N ASN A 12 1.87 -4.09 -1.45
CA ASN A 12 2.03 -3.51 -2.78
C ASN A 12 3.20 -4.11 -3.56
N ARG A 13 4.07 -4.88 -2.91
CA ARG A 13 5.20 -5.52 -3.57
C ARG A 13 4.87 -6.91 -4.08
N THR A 14 3.59 -7.24 -4.23
CA THR A 14 3.16 -8.54 -4.71
C THR A 14 2.90 -8.46 -6.22
N ALA A 15 3.53 -9.35 -6.97
CA ALA A 15 3.34 -9.37 -8.42
C ALA A 15 1.93 -9.83 -8.76
N LEU A 16 1.23 -9.04 -9.56
CA LEU A 16 -0.13 -9.35 -10.00
C LEU A 16 -0.18 -9.23 -11.52
N ASN A 17 0.05 -10.34 -12.20
CA ASN A 17 -0.02 -10.39 -13.66
C ASN A 17 -0.78 -11.61 -14.15
N CYS A 18 -1.67 -12.15 -13.31
CA CYS A 18 -2.39 -13.39 -13.62
C CYS A 18 -3.28 -13.21 -14.84
N ASN A 19 -3.42 -14.29 -15.61
CA ASN A 19 -4.27 -14.29 -16.80
C ASN A 19 -4.89 -15.67 -16.95
N ASP A 20 -6.20 -15.76 -16.73
CA ASP A 20 -6.90 -17.05 -16.80
C ASP A 20 -7.36 -17.30 -18.24
N SER A 21 -6.39 -17.57 -19.10
CA SER A 21 -6.69 -17.86 -20.49
C SER A 21 -7.26 -19.26 -20.66
N LEU A 22 -6.84 -20.22 -19.82
CA LEU A 22 -7.30 -21.60 -19.90
C LEU A 22 -8.67 -21.81 -19.26
N GLN A 23 -9.29 -20.76 -18.72
CA GLN A 23 -10.62 -20.84 -18.12
C GLN A 23 -10.67 -21.85 -16.98
N THR A 24 -9.63 -21.87 -16.16
CA THR A 24 -9.57 -22.77 -15.02
C THR A 24 -10.00 -22.11 -13.70
N GLY A 25 -9.85 -20.80 -13.59
CA GLY A 25 -10.25 -20.09 -12.38
C GLY A 25 -9.32 -20.34 -11.21
N PHE A 26 -8.02 -20.13 -11.43
CA PHE A 26 -7.03 -20.35 -10.38
C PHE A 26 -6.77 -19.12 -9.52
N ILE A 27 -7.16 -17.93 -10.00
CA ILE A 27 -6.93 -16.71 -9.23
C ILE A 27 -7.83 -16.65 -8.00
N THR A 28 -8.88 -17.46 -7.95
CA THR A 28 -9.73 -17.49 -6.76
C THR A 28 -8.92 -17.88 -5.52
N SER A 29 -7.95 -18.77 -5.67
CA SER A 29 -7.14 -19.19 -4.53
C SER A 29 -6.27 -18.06 -3.99
N LEU A 30 -6.02 -17.03 -4.78
CA LEU A 30 -5.27 -15.87 -4.28
C LEU A 30 -6.06 -15.10 -3.23
N PHE A 31 -7.39 -15.21 -3.22
CA PHE A 31 -8.24 -14.48 -2.30
C PHE A 31 -8.79 -15.35 -1.17
N TYR A 32 -9.33 -16.52 -1.51
CA TYR A 32 -9.92 -17.42 -0.53
C TYR A 32 -9.57 -18.86 -0.88
N ALA A 33 -9.60 -19.71 0.14
CA ALA A 33 -9.22 -21.12 -0.01
C ALA A 33 -10.39 -21.91 -0.60
N LYS A 34 -10.59 -21.71 -1.90
CA LYS A 34 -11.58 -22.48 -2.64
C LYS A 34 -11.10 -23.93 -2.81
N ASN A 35 -12.07 -24.84 -2.91
CA ASN A 35 -11.76 -26.25 -3.12
C ASN A 35 -10.93 -26.43 -4.38
N VAL A 36 -9.71 -26.92 -4.20
CA VAL A 36 -8.82 -27.14 -5.34
C VAL A 36 -9.01 -28.53 -5.96
N ASP A 37 -9.37 -29.52 -5.15
CA ASP A 37 -9.60 -30.91 -5.58
C ASP A 37 -8.66 -31.40 -6.69
N ARG A 59 16.24 -26.56 -11.31
CA ARG A 59 17.06 -25.48 -11.83
C ARG A 59 17.56 -24.58 -10.69
N PRO A 60 18.73 -23.97 -10.87
CA PRO A 60 19.24 -23.06 -9.84
C PRO A 60 18.40 -21.80 -9.72
N CYS A 61 18.39 -21.24 -8.52
CA CYS A 61 17.58 -20.06 -8.23
C CYS A 61 18.26 -18.83 -8.83
N ASP A 62 17.64 -18.24 -9.84
CA ASP A 62 18.14 -17.05 -10.51
C ASP A 62 17.07 -15.97 -10.48
N VAL A 63 17.41 -14.79 -11.01
CA VAL A 63 16.48 -13.67 -11.03
C VAL A 63 15.40 -13.91 -12.07
N VAL A 64 14.14 -13.78 -11.66
CA VAL A 64 13.00 -13.94 -12.55
C VAL A 64 12.27 -12.61 -12.65
N SER A 65 11.61 -12.40 -13.79
CA SER A 65 10.89 -11.16 -14.03
C SER A 65 9.50 -11.22 -13.42
N ALA A 66 9.05 -10.08 -12.89
CA ALA A 66 7.72 -10.02 -12.28
C ALA A 66 6.60 -10.02 -13.31
N ARG A 67 6.92 -9.95 -14.60
CA ARG A 67 5.90 -9.98 -15.64
C ARG A 67 5.19 -11.33 -15.70
N THR A 68 5.83 -12.41 -15.26
CA THR A 68 5.23 -13.73 -15.30
C THR A 68 4.68 -14.18 -13.96
N VAL A 69 5.08 -13.57 -12.86
CA VAL A 69 4.71 -14.03 -11.53
C VAL A 69 3.29 -13.60 -11.20
N CYS A 70 2.52 -14.52 -10.64
CA CYS A 70 1.15 -14.26 -10.20
C CYS A 70 1.03 -14.68 -8.74
N GLY A 71 0.81 -13.71 -7.86
CA GLY A 71 0.67 -13.98 -6.45
C GLY A 71 1.98 -13.82 -5.70
N PRO A 72 1.95 -14.06 -4.39
CA PRO A 72 3.18 -13.94 -3.60
C PRO A 72 4.20 -15.00 -3.95
N VAL A 73 5.47 -14.61 -3.84
CA VAL A 73 6.60 -15.52 -4.02
C VAL A 73 7.14 -15.89 -2.64
N TYR A 74 7.09 -17.19 -2.32
CA TYR A 74 7.59 -17.74 -1.07
C TYR A 74 8.92 -18.46 -1.28
N CYS A 75 9.87 -18.21 -0.39
CA CYS A 75 11.10 -18.97 -0.26
C CYS A 75 11.15 -19.58 1.13
N PHE A 76 11.97 -20.63 1.29
CA PHE A 76 11.88 -21.47 2.49
C PHE A 76 13.28 -21.65 3.03
N THR A 77 13.52 -21.08 4.21
CA THR A 77 14.89 -20.89 4.68
C THR A 77 15.35 -21.85 5.77
N PRO A 78 14.62 -22.95 6.11
CA PRO A 78 13.37 -23.61 5.74
C PRO A 78 12.08 -22.88 6.12
N SER A 79 12.16 -21.89 7.02
CA SER A 79 10.96 -21.15 7.38
C SER A 79 10.43 -20.39 6.16
N PRO A 80 9.12 -20.30 6.00
CA PRO A 80 8.52 -19.62 4.85
C PRO A 80 8.69 -18.10 4.96
N VAL A 81 9.19 -17.49 3.90
CA VAL A 81 9.40 -16.05 3.81
C VAL A 81 8.94 -15.56 2.44
N VAL A 82 8.20 -14.42 2.42
CA VAL A 82 7.77 -13.79 1.18
C VAL A 82 8.87 -12.85 0.68
N VAL A 83 9.09 -12.84 -0.64
CA VAL A 83 10.07 -12.00 -1.29
C VAL A 83 9.33 -11.05 -2.23
N GLY A 84 9.54 -9.75 -2.05
CA GLY A 84 8.82 -8.75 -2.82
C GLY A 84 9.51 -8.40 -4.12
N THR A 85 8.88 -7.48 -4.85
CA THR A 85 9.39 -7.04 -6.14
C THR A 85 10.48 -5.99 -5.96
N THR A 86 11.58 -6.14 -6.71
CA THR A 86 12.69 -5.21 -6.71
C THR A 86 13.03 -4.85 -8.14
N ASP A 87 13.98 -3.93 -8.31
CA ASP A 87 14.50 -3.59 -9.63
C ASP A 87 15.74 -4.44 -9.92
N LYS A 88 16.51 -4.06 -10.95
CA LYS A 88 17.69 -4.83 -11.29
C LYS A 88 18.80 -4.66 -10.26
N LEU A 89 18.83 -3.52 -9.57
CA LEU A 89 19.85 -3.25 -8.57
C LEU A 89 19.49 -3.82 -7.20
N GLY A 90 18.20 -3.91 -6.88
CA GLY A 90 17.75 -4.40 -5.58
C GLY A 90 16.88 -3.43 -4.81
N ILE A 91 16.57 -2.26 -5.36
CA ILE A 91 15.74 -1.29 -4.66
C ILE A 91 14.29 -1.76 -4.66
N PRO A 92 13.58 -1.70 -3.54
CA PRO A 92 12.19 -2.17 -3.53
C PRO A 92 11.30 -1.35 -4.46
N THR A 93 10.42 -2.05 -5.18
CA THR A 93 9.43 -1.44 -6.05
C THR A 93 8.04 -1.80 -5.56
N TYR A 94 7.11 -0.86 -5.68
CA TYR A 94 5.76 -1.01 -5.15
C TYR A 94 4.71 -0.82 -6.25
N ASN A 95 4.93 -1.44 -7.40
CA ASN A 95 4.04 -1.30 -8.55
C ASN A 95 3.41 -2.63 -8.94
N TRP A 96 3.30 -3.56 -7.99
CA TRP A 96 2.65 -4.85 -8.21
C TRP A 96 3.29 -5.63 -9.35
N GLY A 97 4.55 -5.35 -9.64
CA GLY A 97 5.22 -6.01 -10.75
C GLY A 97 4.70 -5.61 -12.11
N GLU A 98 4.22 -4.37 -12.26
CA GLU A 98 3.69 -3.92 -13.54
C GLU A 98 4.80 -3.72 -14.56
N ASN A 99 5.70 -2.77 -14.30
CA ASN A 99 6.72 -2.42 -15.28
C ASN A 99 7.66 -3.59 -15.51
N GLU A 100 8.25 -3.62 -16.71
CA GLU A 100 9.17 -4.69 -17.08
C GLU A 100 10.45 -4.68 -16.26
N THR A 101 10.77 -3.56 -15.61
CA THR A 101 11.96 -3.46 -14.79
C THR A 101 11.85 -4.22 -13.47
N ASP A 102 10.63 -4.45 -13.00
CA ASP A 102 10.43 -5.14 -11.74
C ASP A 102 10.77 -6.62 -11.87
N VAL A 103 11.62 -7.12 -10.97
CA VAL A 103 12.06 -8.51 -10.95
C VAL A 103 12.05 -9.00 -9.50
N PHE A 104 12.49 -10.24 -9.30
CA PHE A 104 12.58 -10.87 -7.99
C PHE A 104 14.00 -11.30 -7.71
N MET A 105 14.55 -10.87 -6.58
CA MET A 105 15.92 -11.22 -6.17
C MET A 105 15.91 -12.60 -5.55
N LEU A 106 16.09 -13.62 -6.38
CA LEU A 106 16.10 -15.02 -5.95
C LEU A 106 17.48 -15.60 -6.20
N GLU A 107 18.43 -15.29 -5.31
CA GLU A 107 19.77 -15.83 -5.38
C GLU A 107 20.27 -16.05 -3.96
N SER A 108 20.67 -17.28 -3.65
CA SER A 108 21.14 -17.60 -2.31
C SER A 108 21.95 -18.88 -2.35
N LEU A 109 23.00 -18.93 -1.53
CA LEU A 109 23.72 -20.17 -1.34
C LEU A 109 22.86 -21.12 -0.50
N ARG A 110 23.33 -22.36 -0.40
CA ARG A 110 22.67 -23.31 0.49
C ARG A 110 22.93 -22.89 1.93
N PRO A 111 21.89 -22.70 2.74
CA PRO A 111 22.08 -22.23 4.12
C PRO A 111 22.99 -23.17 4.90
N PRO A 112 23.48 -22.76 6.09
CA PRO A 112 23.17 -21.58 6.91
C PRO A 112 23.62 -20.24 6.33
N THR A 113 24.75 -20.21 5.63
CA THR A 113 25.26 -18.94 5.11
C THR A 113 24.34 -18.37 4.05
N GLY A 114 23.74 -19.22 3.23
CA GLY A 114 22.83 -18.75 2.20
C GLY A 114 21.51 -18.27 2.75
N GLY A 115 20.72 -17.67 1.88
CA GLY A 115 19.41 -17.17 2.24
C GLY A 115 18.37 -18.26 2.39
N TRP A 116 18.17 -19.06 1.34
CA TRP A 116 17.14 -20.08 1.34
C TRP A 116 17.58 -21.25 0.46
N PHE A 117 16.85 -22.35 0.59
CA PHE A 117 17.11 -23.53 -0.23
C PHE A 117 16.42 -23.43 -1.59
N GLY A 118 15.25 -22.80 -1.64
CA GLY A 118 14.52 -22.68 -2.89
C GLY A 118 13.31 -21.81 -2.72
N CYS A 119 12.66 -21.53 -3.85
CA CYS A 119 11.48 -20.67 -3.85
C CYS A 119 10.44 -21.26 -4.80
N THR A 120 9.17 -20.96 -4.52
CA THR A 120 8.05 -21.39 -5.34
C THR A 120 7.13 -20.21 -5.59
N TRP A 121 6.51 -20.22 -6.77
CA TRP A 121 5.56 -19.18 -7.15
C TRP A 121 4.71 -19.69 -8.30
N MET A 122 3.65 -18.95 -8.61
CA MET A 122 2.70 -19.32 -9.65
C MET A 122 2.89 -18.39 -10.84
N ASN A 123 3.13 -18.95 -12.01
CA ASN A 123 3.32 -18.09 -13.17
C ASN A 123 1.96 -17.67 -13.74
N SER A 124 1.99 -16.59 -14.52
CA SER A 124 0.78 -15.80 -14.80
C SER A 124 -0.32 -16.57 -15.50
N THR A 125 -0.05 -17.77 -16.04
CA THR A 125 -1.09 -18.56 -16.67
C THR A 125 -1.57 -19.71 -15.79
N GLY A 126 -1.08 -19.82 -14.57
CA GLY A 126 -1.58 -20.78 -13.61
C GLY A 126 -0.71 -21.99 -13.33
N PHE A 127 0.58 -21.96 -13.70
CA PHE A 127 1.48 -23.07 -13.46
C PHE A 127 2.43 -22.73 -12.32
N THR A 128 2.78 -23.74 -11.52
CA THR A 128 3.66 -23.56 -10.38
C THR A 128 5.11 -23.73 -10.80
N LYS A 129 5.94 -22.78 -10.39
CA LYS A 129 7.37 -22.79 -10.71
C LYS A 129 8.18 -22.97 -9.43
N THR A 130 9.34 -23.61 -9.58
CA THR A 130 10.26 -23.84 -8.47
C THR A 130 11.67 -23.58 -8.93
N CYS A 131 12.55 -23.26 -7.99
CA CYS A 131 13.96 -23.03 -8.29
C CYS A 131 14.87 -23.84 -7.38
N PRO A 145 10.61 -26.49 -0.47
CA PRO A 145 9.54 -26.83 0.47
C PRO A 145 9.52 -28.31 0.84
N TRP A 146 10.09 -29.17 -0.01
CA TRP A 146 10.11 -30.60 0.21
C TRP A 146 11.27 -30.96 1.13
N ILE A 147 10.96 -31.16 2.42
CA ILE A 147 11.98 -31.62 3.36
C ILE A 147 12.24 -33.11 3.17
N THR A 148 11.22 -33.92 3.38
CA THR A 148 11.13 -35.35 3.25
C THR A 148 10.14 -35.69 2.12
N PRO A 149 10.40 -36.75 1.34
CA PRO A 149 9.44 -37.16 0.31
C PRO A 149 8.01 -37.34 0.81
N ARG A 150 7.83 -37.33 2.13
CA ARG A 150 6.51 -37.47 2.75
C ARG A 150 5.97 -36.16 3.33
N CYS A 151 6.83 -35.22 3.69
CA CYS A 151 6.42 -33.97 4.31
C CYS A 151 6.67 -32.78 3.37
N LEU A 152 6.20 -31.62 3.80
CA LEU A 152 6.27 -30.40 3.00
C LEU A 152 6.04 -29.21 3.92
N VAL A 153 6.81 -28.14 3.70
CA VAL A 153 6.72 -26.97 4.57
C VAL A 153 5.40 -26.27 4.33
N ASP A 154 4.61 -26.12 5.38
CA ASP A 154 3.30 -25.48 5.26
C ASP A 154 3.44 -23.97 5.25
N TYR A 155 2.65 -23.32 4.42
CA TYR A 155 2.61 -21.87 4.32
C TYR A 155 1.25 -21.46 3.76
N PRO A 156 0.84 -20.20 3.95
CA PRO A 156 -0.54 -19.80 3.59
C PRO A 156 -1.00 -20.24 2.21
N TYR A 157 -0.13 -20.16 1.20
CA TYR A 157 -0.50 -20.57 -0.16
C TYR A 157 0.07 -21.93 -0.53
N ARG A 158 0.24 -22.83 0.45
CA ARG A 158 0.71 -24.17 0.13
C ARG A 158 -0.32 -24.94 -0.69
N LEU A 159 -1.61 -24.81 -0.35
CA LEU A 159 -2.63 -25.54 -1.09
C LEU A 159 -2.80 -25.02 -2.50
N TRP A 160 -2.43 -23.77 -2.74
CA TRP A 160 -2.53 -23.20 -4.09
C TRP A 160 -1.40 -23.70 -4.98
N HIS A 161 -0.16 -23.65 -4.49
CA HIS A 161 0.96 -24.08 -5.32
C HIS A 161 0.97 -25.59 -5.49
N TYR A 162 0.56 -26.33 -4.46
CA TYR A 162 0.53 -27.79 -4.49
C TYR A 162 -0.89 -28.24 -4.18
N PRO A 163 -1.74 -28.41 -5.20
CA PRO A 163 -3.15 -28.74 -4.92
C PRO A 163 -3.33 -30.15 -4.39
N CYS A 164 -2.44 -31.08 -4.75
CA CYS A 164 -2.60 -32.47 -4.34
C CYS A 164 -2.03 -32.73 -2.96
N THR A 165 -2.14 -31.75 -2.06
CA THR A 165 -1.62 -31.87 -0.71
C THR A 165 -2.69 -31.51 0.32
N VAL A 166 -3.97 -31.69 -0.04
CA VAL A 166 -5.05 -31.31 0.87
C VAL A 166 -5.16 -32.31 2.01
N ASN A 167 -5.16 -33.60 1.70
CA ASN A 167 -5.29 -34.65 2.71
C ASN A 167 -3.94 -34.88 3.41
N PHE A 168 -3.44 -33.80 4.02
CA PHE A 168 -2.16 -33.82 4.71
C PHE A 168 -2.36 -33.28 6.12
N THR A 169 -2.06 -34.12 7.12
CA THR A 169 -2.08 -33.67 8.50
C THR A 169 -0.88 -32.75 8.76
N LEU A 170 -0.99 -31.96 9.83
CA LEU A 170 0.04 -31.00 10.19
C LEU A 170 0.90 -31.56 11.31
N HIS A 171 2.21 -31.33 11.21
CA HIS A 171 3.18 -31.80 12.19
C HIS A 171 4.12 -30.67 12.56
N LYS A 172 4.30 -30.45 13.86
CA LYS A 172 5.33 -29.53 14.32
C LYS A 172 6.70 -30.17 14.15
N VAL A 173 7.58 -29.49 13.43
CA VAL A 173 8.90 -30.03 13.07
C VAL A 173 9.98 -29.10 13.60
N ARG A 174 10.94 -29.67 14.32
CA ARG A 174 12.15 -28.98 14.72
C ARG A 174 13.27 -29.41 13.78
N MET A 175 13.97 -28.43 13.21
CA MET A 175 15.01 -28.71 12.22
C MET A 175 16.23 -27.86 12.52
N PHE A 176 17.39 -28.50 12.62
CA PHE A 176 18.65 -27.83 12.92
C PHE A 176 19.43 -27.65 11.63
N VAL A 177 19.59 -26.39 11.20
CA VAL A 177 20.37 -26.07 10.01
C VAL A 177 21.62 -25.29 10.44
N GLY A 178 22.70 -26.00 10.72
CA GLY A 178 23.91 -25.37 11.18
C GLY A 178 23.83 -24.86 12.60
N GLY A 179 23.39 -25.73 13.51
CA GLY A 179 23.34 -25.41 14.93
C GLY A 179 22.09 -24.70 15.39
N ILE A 180 21.45 -23.92 14.53
CA ILE A 180 20.26 -23.16 14.89
C ILE A 180 19.02 -23.99 14.59
N GLU A 181 18.02 -23.87 15.44
CA GLU A 181 16.78 -24.62 15.32
C GLU A 181 15.69 -23.78 14.71
N HIS A 182 14.78 -24.43 14.00
CA HIS A 182 13.63 -23.78 13.38
C HIS A 182 12.37 -24.57 13.73
N ARG A 183 11.44 -23.92 14.41
CA ARG A 183 10.18 -24.54 14.81
C ARG A 183 9.10 -24.04 13.86
N PHE A 184 8.75 -24.86 12.88
CA PHE A 184 7.73 -24.52 11.89
C PHE A 184 6.83 -25.72 11.68
N ASP A 185 5.69 -25.48 11.03
CA ASP A 185 4.71 -26.53 10.75
C ASP A 185 4.95 -27.12 9.36
N ALA A 186 4.82 -28.43 9.26
CA ALA A 186 4.96 -29.14 8.01
C ALA A 186 3.69 -29.93 7.72
N ALA A 187 3.46 -30.19 6.44
CA ALA A 187 2.27 -30.92 5.97
C ALA A 187 2.73 -32.30 5.49
N CYS A 188 2.48 -33.31 6.31
CA CYS A 188 2.85 -34.69 6.00
C CYS A 188 1.59 -35.53 5.81
N ASN A 189 1.80 -36.77 5.41
CA ASN A 189 0.69 -37.72 5.24
C ASN A 189 0.04 -38.06 6.57
N LEU B 4 -28.87 -10.37 -3.55
CA LEU B 4 -28.13 -9.97 -2.35
C LEU B 4 -28.98 -9.08 -1.46
N GLU B 5 -28.40 -8.62 -0.36
CA GLU B 5 -29.06 -7.76 0.61
C GLU B 5 -28.49 -6.35 0.51
N GLN B 6 -29.37 -5.37 0.32
CA GLN B 6 -28.96 -3.98 0.23
C GLN B 6 -29.90 -3.12 1.07
N SER B 7 -29.60 -1.83 1.14
CA SER B 7 -30.43 -0.89 1.89
C SER B 7 -31.70 -0.54 1.10
N GLY B 8 -32.64 0.07 1.81
CA GLY B 8 -33.87 0.52 1.18
C GLY B 8 -33.70 1.84 0.46
N ALA B 9 -34.77 2.24 -0.22
CA ALA B 9 -34.75 3.49 -0.97
C ALA B 9 -34.74 4.68 -0.02
N GLU B 10 -33.89 5.66 -0.34
CA GLU B 10 -33.73 6.86 0.49
C GLU B 10 -33.78 8.10 -0.37
N VAL B 11 -34.47 9.12 0.11
CA VAL B 11 -34.58 10.41 -0.57
C VAL B 11 -33.67 11.41 0.14
N LYS B 12 -32.88 12.14 -0.65
CA LYS B 12 -31.91 13.08 -0.11
C LYS B 12 -31.97 14.38 -0.88
N THR B 13 -31.24 15.38 -0.38
CA THR B 13 -31.13 16.70 -0.98
C THR B 13 -29.81 16.84 -1.72
N PRO B 14 -29.74 17.74 -2.71
CA PRO B 14 -28.47 17.94 -3.43
C PRO B 14 -27.38 18.43 -2.50
N GLY B 15 -26.16 17.96 -2.74
CA GLY B 15 -25.01 18.34 -1.96
C GLY B 15 -24.77 17.52 -0.71
N SER B 16 -25.72 16.70 -0.30
CA SER B 16 -25.58 15.90 0.91
C SER B 16 -24.80 14.61 0.59
N SER B 17 -24.76 13.69 1.54
CA SER B 17 -24.02 12.45 1.40
C SER B 17 -24.92 11.27 1.74
N VAL B 18 -24.72 10.16 1.02
CA VAL B 18 -25.49 8.93 1.22
C VAL B 18 -24.52 7.80 1.50
N ARG B 19 -24.92 6.91 2.40
CA ARG B 19 -24.16 5.69 2.69
C ARG B 19 -25.12 4.52 2.53
N VAL B 20 -24.89 3.71 1.49
CA VAL B 20 -25.72 2.56 1.18
C VAL B 20 -24.97 1.29 1.52
N SER B 21 -25.67 0.31 2.07
CA SER B 21 -25.10 -0.96 2.47
C SER B 21 -25.24 -2.00 1.36
N CYS B 22 -24.59 -3.14 1.56
CA CYS B 22 -24.56 -4.21 0.57
C CYS B 22 -24.38 -5.56 1.23
N PHE B 29 -20.27 -17.74 1.09
CA PHE B 29 -20.33 -16.77 0.01
C PHE B 29 -18.93 -16.23 -0.31
N ASN B 30 -18.46 -16.53 -1.51
CA ASN B 30 -17.13 -16.10 -1.94
C ASN B 30 -17.24 -14.79 -2.71
N SER B 31 -16.20 -13.96 -2.59
CA SER B 31 -16.16 -12.68 -3.27
C SER B 31 -14.73 -12.16 -3.23
N TYR B 32 -14.28 -11.60 -4.35
CA TYR B 32 -12.95 -11.01 -4.43
C TYR B 32 -12.95 -9.50 -4.63
N SER B 33 -14.10 -8.89 -4.94
CA SER B 33 -14.18 -7.46 -5.17
C SER B 33 -15.58 -6.97 -4.86
N ILE B 34 -15.71 -5.65 -4.71
CA ILE B 34 -16.99 -5.00 -4.44
C ILE B 34 -17.23 -4.02 -5.58
N ASN B 35 -18.15 -4.35 -6.47
CA ASN B 35 -18.46 -3.51 -7.62
C ASN B 35 -19.82 -2.87 -7.42
N TRP B 36 -19.91 -1.57 -7.65
CA TRP B 36 -21.15 -0.83 -7.57
C TRP B 36 -21.55 -0.36 -8.96
N VAL B 37 -22.78 -0.69 -9.37
CA VAL B 37 -23.31 -0.31 -10.67
C VAL B 37 -24.64 0.38 -10.45
N ARG B 38 -24.86 1.50 -11.13
CA ARG B 38 -26.09 2.26 -11.00
C ARG B 38 -26.87 2.22 -12.31
N GLN B 39 -28.18 2.38 -12.21
CA GLN B 39 -29.06 2.36 -13.37
C GLN B 39 -30.05 3.51 -13.24
N ALA B 40 -29.90 4.53 -14.08
CA ALA B 40 -30.85 5.63 -14.08
C ALA B 40 -32.19 5.15 -14.64
N PRO B 41 -33.31 5.53 -14.02
CA PRO B 41 -34.62 5.13 -14.54
C PRO B 41 -34.81 5.61 -15.97
N GLY B 42 -34.96 4.65 -16.88
CA GLY B 42 -35.05 4.97 -18.29
C GLY B 42 -33.71 5.22 -18.94
N HIS B 43 -32.69 4.44 -18.58
CA HIS B 43 -31.34 4.59 -19.13
C HIS B 43 -30.63 3.26 -19.04
N GLY B 44 -29.39 3.24 -19.52
CA GLY B 44 -28.55 2.05 -19.48
C GLY B 44 -27.94 1.82 -18.11
N LEU B 45 -26.79 1.17 -18.11
CA LEU B 45 -26.08 0.83 -16.87
C LEU B 45 -24.78 1.60 -16.81
N GLU B 46 -24.58 2.33 -15.72
CA GLU B 46 -23.35 3.08 -15.47
C GLU B 46 -22.54 2.41 -14.38
N TRP B 47 -21.23 2.31 -14.60
CA TRP B 47 -20.33 1.63 -13.68
C TRP B 47 -19.74 2.63 -12.71
N VAL B 48 -20.05 2.48 -11.42
CA VAL B 48 -19.41 3.24 -10.37
C VAL B 48 -18.15 2.49 -9.96
N GLY B 49 -17.46 2.95 -8.92
CA GLY B 49 -16.16 2.42 -8.57
C GLY B 49 -16.19 0.95 -8.17
N THR B 50 -14.98 0.40 -8.02
CA THR B 50 -14.76 -0.99 -7.69
C THR B 50 -13.67 -1.08 -6.64
N PHE B 51 -13.93 -1.81 -5.56
CA PHE B 51 -13.01 -1.94 -4.45
C PHE B 51 -12.65 -3.40 -4.23
N ILE B 52 -11.42 -3.63 -3.78
CA ILE B 52 -10.91 -4.97 -3.49
C ILE B 52 -10.41 -4.98 -2.05
N PRO B 53 -11.01 -5.76 -1.14
CA PRO B 53 -10.58 -5.70 0.26
C PRO B 53 -9.26 -6.42 0.51
N MET B 54 -9.00 -7.48 -0.26
CA MET B 54 -7.77 -8.25 -0.07
C MET B 54 -6.53 -7.41 -0.31
N PHE B 55 -6.61 -6.45 -1.25
CA PHE B 55 -5.47 -5.62 -1.59
C PHE B 55 -5.61 -4.17 -1.14
N GLY B 56 -6.81 -3.72 -0.81
CA GLY B 56 -7.03 -2.37 -0.36
C GLY B 56 -7.14 -1.33 -1.45
N THR B 57 -7.02 -1.71 -2.71
CA THR B 57 -7.10 -0.78 -3.82
C THR B 57 -8.55 -0.56 -4.24
N SER B 58 -8.79 0.58 -4.90
CA SER B 58 -10.13 0.93 -5.37
C SER B 58 -10.01 1.80 -6.61
N LYS B 59 -10.67 1.37 -7.69
CA LYS B 59 -10.69 2.10 -8.95
C LYS B 59 -12.07 2.68 -9.16
N TYR B 60 -12.14 4.00 -9.30
CA TYR B 60 -13.41 4.70 -9.45
C TYR B 60 -13.58 5.24 -10.86
N ALA B 61 -14.82 5.56 -11.21
CA ALA B 61 -15.13 6.12 -12.51
C ALA B 61 -14.64 7.57 -12.61
N GLN B 62 -14.58 8.07 -13.84
CA GLN B 62 -14.03 9.41 -14.06
C GLN B 62 -14.96 10.49 -13.52
N LYS B 63 -16.25 10.41 -13.84
CA LYS B 63 -17.17 11.43 -13.36
C LYS B 63 -17.43 11.31 -11.86
N PHE B 64 -17.17 10.15 -11.26
CA PHE B 64 -17.25 9.95 -9.82
C PHE B 64 -15.88 9.92 -9.17
N GLN B 65 -14.92 10.66 -9.72
CA GLN B 65 -13.53 10.51 -9.30
C GLN B 65 -13.32 10.98 -7.87
N GLY B 66 -13.58 12.26 -7.60
CA GLY B 66 -13.21 12.83 -6.33
C GLY B 66 -14.32 13.00 -5.33
N ARG B 67 -15.41 12.23 -5.46
CA ARG B 67 -16.52 12.38 -4.53
C ARG B 67 -17.16 11.06 -4.15
N VAL B 68 -16.57 9.92 -4.49
CA VAL B 68 -17.07 8.61 -4.08
C VAL B 68 -15.96 7.86 -3.35
N THR B 69 -16.35 7.12 -2.32
CA THR B 69 -15.44 6.24 -1.59
C THR B 69 -16.17 4.95 -1.28
N ILE B 70 -15.42 3.85 -1.26
CA ILE B 70 -15.96 2.52 -0.97
C ILE B 70 -15.18 1.97 0.21
N THR B 71 -15.76 2.05 1.41
CA THR B 71 -15.12 1.53 2.60
C THR B 71 -15.36 0.02 2.70
N ALA B 72 -14.99 -0.58 3.82
CA ALA B 72 -15.17 -2.01 4.02
C ALA B 72 -15.98 -2.28 5.29
N THR B 78 -19.58 -6.83 5.56
CA THR B 78 -20.53 -5.90 4.96
C THR B 78 -19.79 -4.82 4.16
N ALA B 79 -20.46 -4.28 3.15
CA ALA B 79 -19.89 -3.28 2.27
C ALA B 79 -20.63 -1.96 2.43
N TYR B 80 -19.97 -0.87 2.04
CA TYR B 80 -20.54 0.47 2.11
C TYR B 80 -20.08 1.28 0.91
N MET B 81 -20.88 2.26 0.54
CA MET B 81 -20.58 3.16 -0.57
C MET B 81 -20.95 4.57 -0.16
N ASP B 82 -19.96 5.45 -0.12
CA ASP B 82 -20.15 6.84 0.28
C ASP B 82 -20.13 7.72 -0.97
N LEU B 83 -21.22 8.45 -1.19
CA LEU B 83 -21.34 9.39 -2.31
C LEU B 83 -21.55 10.78 -1.73
N ASN B 84 -20.55 11.64 -1.90
CA ASN B 84 -20.61 13.01 -1.40
C ASN B 84 -20.92 13.97 -2.54
N SER B 85 -21.46 15.14 -2.18
CA SER B 85 -21.85 16.16 -3.14
C SER B 85 -22.80 15.58 -4.19
N LEU B 86 -24.06 15.37 -3.80
CA LEU B 86 -25.03 14.77 -4.69
C LEU B 86 -25.51 15.75 -5.76
N ARG B 87 -26.03 15.19 -6.83
CA ARG B 87 -26.57 15.95 -7.95
C ARG B 87 -27.91 15.35 -8.36
N SER B 88 -28.66 16.09 -9.17
CA SER B 88 -29.95 15.60 -9.64
C SER B 88 -29.81 14.42 -10.58
N ASP B 89 -28.61 14.21 -11.15
CA ASP B 89 -28.40 13.08 -12.06
C ASP B 89 -28.16 11.77 -11.32
N ASP B 90 -27.76 11.82 -10.05
CA ASP B 90 -27.47 10.60 -9.31
C ASP B 90 -28.72 9.82 -8.93
N THR B 91 -29.91 10.36 -9.20
CA THR B 91 -31.14 9.65 -8.91
C THR B 91 -31.24 8.38 -9.76
N ALA B 92 -31.04 7.22 -9.12
CA ALA B 92 -30.97 5.96 -9.85
C ALA B 92 -31.04 4.81 -8.84
N PHE B 93 -31.23 3.61 -9.37
CA PHE B 93 -31.03 2.40 -8.59
C PHE B 93 -29.55 2.10 -8.48
N TYR B 94 -29.13 1.61 -7.31
CA TYR B 94 -27.72 1.33 -7.04
C TYR B 94 -27.58 -0.13 -6.62
N TYR B 95 -27.11 -0.96 -7.56
CA TYR B 95 -26.86 -2.37 -7.31
C TYR B 95 -25.37 -2.58 -7.00
N CYS B 96 -25.09 -3.38 -5.98
CA CYS B 96 -23.73 -3.79 -5.69
C CYS B 96 -23.50 -5.20 -6.22
N VAL B 97 -22.32 -5.43 -6.78
CA VAL B 97 -21.97 -6.71 -7.40
C VAL B 97 -20.76 -7.26 -6.68
N ARG B 98 -20.82 -8.55 -6.31
CA ARG B 98 -19.72 -9.24 -5.65
C ARG B 98 -19.40 -10.48 -6.47
N PRO B 99 -18.59 -10.35 -7.52
CA PRO B 99 -18.29 -11.51 -8.37
C PRO B 99 -17.50 -12.58 -7.65
N GLU B 100 -17.48 -13.76 -8.24
CA GLU B 100 -16.89 -14.95 -7.62
C GLU B 100 -15.48 -15.23 -8.13
N THR B 101 -15.34 -15.42 -9.45
CA THR B 101 -14.05 -15.78 -10.02
C THR B 101 -13.49 -14.64 -10.84
N PRO B 102 -12.23 -14.27 -10.64
CA PRO B 102 -11.61 -13.24 -11.47
C PRO B 102 -10.90 -13.82 -12.68
N ARG B 103 -10.89 -13.02 -13.75
CA ARG B 103 -10.36 -13.49 -15.03
C ARG B 103 -8.90 -13.10 -15.25
N TYR B 104 -8.47 -11.95 -14.76
CA TYR B 104 -7.07 -11.55 -14.91
C TYR B 104 -6.77 -10.40 -13.97
N CYS B 105 -5.55 -10.40 -13.44
CA CYS B 105 -5.03 -9.31 -12.61
C CYS B 105 -3.89 -8.63 -13.36
N SER B 106 -3.78 -7.31 -13.22
CA SER B 106 -2.79 -6.57 -13.97
C SER B 106 -2.29 -5.37 -13.17
N GLY B 107 -2.16 -5.53 -11.85
CA GLY B 107 -1.55 -4.53 -11.00
C GLY B 107 -2.33 -3.23 -10.87
N GLY B 108 -2.95 -3.02 -9.71
CA GLY B 108 -2.95 -4.00 -8.65
C GLY B 108 -4.34 -4.60 -8.47
N PHE B 109 -5.17 -4.41 -9.48
CA PHE B 109 -6.54 -4.90 -9.46
C PHE B 109 -6.66 -6.25 -10.16
N CYS B 110 -7.77 -6.92 -9.91
CA CYS B 110 -8.17 -8.12 -10.64
C CYS B 110 -9.53 -7.85 -11.24
N TYR B 111 -9.62 -7.96 -12.56
CA TYR B 111 -10.83 -7.61 -13.28
C TYR B 111 -11.59 -8.86 -13.73
N GLY B 112 -12.91 -8.75 -13.73
CA GLY B 112 -13.75 -9.86 -14.15
C GLY B 112 -15.16 -9.38 -14.41
N GLU B 113 -16.01 -10.34 -14.78
CA GLU B 113 -17.41 -10.05 -15.08
C GLU B 113 -18.19 -9.85 -13.79
N PHE B 114 -19.40 -9.31 -13.94
CA PHE B 114 -20.30 -9.06 -12.81
C PHE B 114 -21.25 -10.23 -12.66
N ASP B 115 -21.16 -10.93 -11.52
CA ASP B 115 -21.89 -12.18 -11.31
C ASP B 115 -23.07 -11.99 -10.37
N ASN B 116 -22.81 -11.83 -9.06
CA ASN B 116 -23.87 -11.77 -8.06
C ASN B 116 -24.30 -10.32 -7.85
N TRP B 117 -25.51 -9.99 -8.30
CA TRP B 117 -26.04 -8.64 -8.22
C TRP B 117 -26.93 -8.50 -6.99
N GLY B 118 -27.01 -7.27 -6.48
CA GLY B 118 -27.83 -6.99 -5.32
C GLY B 118 -29.29 -6.83 -5.66
N GLN B 119 -30.11 -6.75 -4.61
CA GLN B 119 -31.54 -6.60 -4.80
C GLN B 119 -31.89 -5.21 -5.34
N GLY B 120 -31.08 -4.20 -5.02
CA GLY B 120 -31.31 -2.87 -5.53
C GLY B 120 -31.54 -1.83 -4.46
N THR B 121 -30.96 -0.65 -4.64
CA THR B 121 -31.12 0.48 -3.73
C THR B 121 -31.39 1.72 -4.56
N LEU B 122 -32.63 2.22 -4.52
CA LEU B 122 -33.00 3.42 -5.25
C LEU B 122 -32.63 4.65 -4.45
N VAL B 123 -32.01 5.63 -5.12
CA VAL B 123 -31.64 6.90 -4.52
C VAL B 123 -32.34 8.01 -5.30
N THR B 124 -32.98 8.93 -4.59
CA THR B 124 -33.66 10.06 -5.20
C THR B 124 -33.07 11.35 -4.64
N VAL B 125 -32.65 12.24 -5.53
CA VAL B 125 -32.04 13.51 -5.16
C VAL B 125 -32.90 14.62 -5.75
N SER B 126 -33.63 15.32 -4.88
CA SER B 126 -34.47 16.44 -5.31
C SER B 126 -34.49 17.49 -4.21
N SER B 127 -34.76 18.73 -4.62
CA SER B 127 -34.81 19.83 -3.67
C SER B 127 -36.15 19.94 -2.96
N ALA B 128 -37.25 19.64 -3.66
CA ALA B 128 -38.57 19.75 -3.07
C ALA B 128 -38.77 18.69 -1.99
N SER B 129 -39.57 19.04 -0.99
CA SER B 129 -39.85 18.15 0.12
C SER B 129 -41.17 17.40 -0.16
N THR B 130 -41.75 16.78 0.86
CA THR B 130 -42.99 16.04 0.68
C THR B 130 -44.12 16.98 0.27
N LYS B 131 -44.91 16.54 -0.72
CA LYS B 131 -45.97 17.37 -1.27
C LYS B 131 -47.11 16.47 -1.73
N GLY B 132 -48.34 16.95 -1.56
CA GLY B 132 -49.50 16.21 -1.97
C GLY B 132 -49.74 16.29 -3.46
N PRO B 133 -50.44 15.30 -4.01
CA PRO B 133 -50.67 15.26 -5.46
C PRO B 133 -51.84 16.13 -5.88
N SER B 134 -51.71 16.67 -7.10
CA SER B 134 -52.79 17.42 -7.73
C SER B 134 -53.45 16.55 -8.78
N VAL B 135 -54.78 16.45 -8.70
CA VAL B 135 -55.55 15.57 -9.60
C VAL B 135 -56.36 16.45 -10.54
N PHE B 136 -56.09 16.30 -11.84
CA PHE B 136 -56.81 17.03 -12.87
C PHE B 136 -57.53 16.06 -13.80
N PRO B 137 -58.74 16.38 -14.24
CA PRO B 137 -59.50 15.46 -15.07
C PRO B 137 -59.06 15.49 -16.52
N LEU B 138 -59.25 14.36 -17.19
CA LEU B 138 -59.03 14.22 -18.64
C LEU B 138 -60.41 13.98 -19.25
N ALA B 139 -61.09 15.07 -19.59
CA ALA B 139 -62.47 14.98 -20.06
C ALA B 139 -62.51 14.34 -21.44
N PRO B 140 -63.39 13.36 -21.68
CA PRO B 140 -63.53 12.71 -22.99
C PRO B 140 -64.22 13.61 -24.02
N ALA B 151 -62.46 7.73 -24.36
CA ALA B 151 -61.68 7.40 -23.17
C ALA B 151 -61.49 8.64 -22.29
N LEU B 152 -61.28 8.40 -20.99
CA LEU B 152 -61.08 9.47 -20.02
C LEU B 152 -59.92 9.08 -19.12
N GLY B 153 -59.64 9.92 -18.12
CA GLY B 153 -58.54 9.64 -17.23
C GLY B 153 -58.40 10.71 -16.17
N CYS B 154 -57.46 10.46 -15.25
CA CYS B 154 -57.12 11.40 -14.19
C CYS B 154 -55.62 11.65 -14.24
N LEU B 155 -55.24 12.93 -14.17
CA LEU B 155 -53.84 13.34 -14.25
C LEU B 155 -53.35 13.68 -12.85
N VAL B 156 -52.53 12.80 -12.29
CA VAL B 156 -51.91 13.04 -10.98
C VAL B 156 -50.57 13.74 -11.21
N LYS B 157 -50.46 14.97 -10.72
CA LYS B 157 -49.33 15.83 -11.04
C LYS B 157 -48.84 16.55 -9.80
N ASP B 158 -47.53 16.82 -9.77
CA ASP B 158 -46.89 17.61 -8.73
C ASP B 158 -47.04 16.94 -7.35
N TYR B 159 -46.43 15.76 -7.22
CA TYR B 159 -46.39 15.04 -5.96
C TYR B 159 -44.98 14.56 -5.70
N PHE B 160 -44.70 14.29 -4.42
CA PHE B 160 -43.37 13.87 -3.99
C PHE B 160 -43.44 13.31 -2.58
N PRO B 161 -42.84 12.15 -2.32
CA PRO B 161 -42.17 11.31 -3.32
C PRO B 161 -43.02 10.12 -3.76
N GLU B 162 -42.35 9.11 -4.32
CA GLU B 162 -43.03 7.88 -4.71
C GLU B 162 -43.47 7.10 -3.47
N PRO B 163 -44.49 6.24 -3.61
CA PRO B 163 -45.31 6.00 -4.80
C PRO B 163 -46.72 6.55 -4.66
N VAL B 164 -47.60 6.16 -5.60
CA VAL B 164 -49.00 6.55 -5.57
C VAL B 164 -49.81 5.43 -6.22
N THR B 165 -50.94 5.08 -5.59
CA THR B 165 -51.81 4.02 -6.08
C THR B 165 -53.10 4.64 -6.59
N VAL B 166 -53.39 4.40 -7.87
CA VAL B 166 -54.58 4.94 -8.53
C VAL B 166 -55.53 3.79 -8.82
N SER B 167 -56.79 3.95 -8.42
CA SER B 167 -57.83 2.96 -8.69
C SER B 167 -59.09 3.69 -9.13
N TRP B 168 -59.92 2.99 -9.90
CA TRP B 168 -61.12 3.58 -10.51
C TRP B 168 -62.37 2.97 -9.87
N ASN B 169 -63.21 3.82 -9.31
CA ASN B 169 -64.51 3.43 -8.74
C ASN B 169 -64.36 2.32 -7.71
N SER B 170 -63.39 2.50 -6.82
CA SER B 170 -63.11 1.55 -5.73
C SER B 170 -62.79 0.16 -6.29
N GLY B 171 -61.97 0.11 -7.33
CA GLY B 171 -61.54 -1.15 -7.90
C GLY B 171 -62.59 -1.90 -8.69
N ALA B 172 -63.72 -1.26 -9.02
CA ALA B 172 -64.75 -1.93 -9.79
C ALA B 172 -64.33 -2.12 -11.24
N LEU B 173 -63.93 -1.04 -11.91
CA LEU B 173 -63.55 -1.09 -13.30
C LEU B 173 -62.05 -1.36 -13.42
N THR B 174 -61.70 -2.47 -14.06
CA THR B 174 -60.31 -2.80 -14.34
C THR B 174 -60.02 -3.05 -15.81
N SER B 175 -61.03 -3.25 -16.65
CA SER B 175 -60.79 -3.49 -18.07
C SER B 175 -60.40 -2.19 -18.77
N GLY B 176 -59.30 -2.22 -19.51
CA GLY B 176 -58.83 -1.05 -20.23
C GLY B 176 -58.11 -0.02 -19.38
N VAL B 177 -57.91 -0.30 -18.09
CA VAL B 177 -57.22 0.66 -17.23
C VAL B 177 -55.74 0.71 -17.60
N HIS B 178 -55.24 1.90 -17.87
CA HIS B 178 -53.84 2.13 -18.21
C HIS B 178 -53.26 3.13 -17.23
N THR B 179 -52.37 2.66 -16.36
CA THR B 179 -51.67 3.52 -15.39
C THR B 179 -50.22 3.63 -15.86
N PHE B 180 -49.89 4.76 -16.47
CA PHE B 180 -48.56 4.94 -17.04
C PHE B 180 -47.52 5.13 -15.95
N PRO B 181 -46.26 4.75 -16.21
CA PRO B 181 -45.21 4.92 -15.20
C PRO B 181 -45.03 6.39 -14.83
N ALA B 182 -44.58 6.61 -13.60
CA ALA B 182 -44.42 7.96 -13.08
C ALA B 182 -43.29 8.68 -13.79
N VAL B 183 -43.55 9.92 -14.19
CA VAL B 183 -42.58 10.77 -14.87
C VAL B 183 -42.09 11.82 -13.89
N LEU B 184 -40.78 12.08 -13.90
CA LEU B 184 -40.17 13.08 -13.04
C LEU B 184 -39.99 14.36 -13.87
N GLN B 185 -40.74 15.39 -13.54
CA GLN B 185 -40.70 16.63 -14.29
C GLN B 185 -39.41 17.39 -13.99
N SER B 186 -39.22 18.52 -14.68
CA SER B 186 -38.06 19.37 -14.45
C SER B 186 -38.10 20.07 -13.09
N SER B 187 -39.28 20.27 -12.52
CA SER B 187 -39.42 20.93 -11.23
C SER B 187 -39.24 19.98 -10.05
N GLY B 188 -38.57 18.85 -10.24
CA GLY B 188 -38.34 17.90 -9.18
C GLY B 188 -39.57 17.20 -8.66
N LEU B 189 -40.74 17.45 -9.25
CA LEU B 189 -41.99 16.84 -8.84
C LEU B 189 -42.40 15.77 -9.84
N TYR B 190 -42.87 14.64 -9.33
CA TYR B 190 -43.30 13.55 -10.19
C TYR B 190 -44.67 13.83 -10.79
N SER B 191 -44.92 13.24 -11.96
CA SER B 191 -46.18 13.36 -12.66
C SER B 191 -46.61 11.98 -13.16
N LEU B 192 -47.91 11.72 -13.10
CA LEU B 192 -48.45 10.41 -13.48
C LEU B 192 -49.80 10.58 -14.14
N SER B 193 -50.07 9.76 -15.14
CA SER B 193 -51.34 9.74 -15.85
C SER B 193 -52.00 8.38 -15.68
N SER B 194 -53.32 8.37 -15.57
CA SER B 194 -54.09 7.14 -15.44
C SER B 194 -55.34 7.27 -16.28
N VAL B 195 -55.40 6.52 -17.39
CA VAL B 195 -56.51 6.59 -18.32
C VAL B 195 -57.22 5.23 -18.34
N VAL B 196 -58.38 5.20 -18.99
CA VAL B 196 -59.18 3.99 -19.10
C VAL B 196 -60.12 4.15 -20.28
N THR B 197 -60.34 3.05 -21.00
CA THR B 197 -61.24 3.05 -22.15
C THR B 197 -62.63 2.58 -21.71
N VAL B 198 -63.65 3.35 -22.08
CA VAL B 198 -65.03 3.07 -21.69
C VAL B 198 -65.94 3.38 -22.86
N PRO B 199 -67.14 2.78 -22.88
CA PRO B 199 -68.10 3.10 -23.95
C PRO B 199 -68.52 4.56 -23.91
N SER B 200 -68.83 5.10 -25.09
CA SER B 200 -69.15 6.51 -25.23
C SER B 200 -70.57 6.86 -24.80
N SER B 201 -71.42 5.86 -24.57
CA SER B 201 -72.81 6.12 -24.19
C SER B 201 -73.00 6.23 -22.68
N SER B 202 -72.08 5.69 -21.88
CA SER B 202 -72.20 5.68 -20.43
C SER B 202 -71.84 7.01 -19.79
N LEU B 203 -71.85 8.10 -20.55
CA LEU B 203 -71.50 9.41 -19.99
C LEU B 203 -72.57 9.91 -19.03
N GLY B 204 -73.84 9.77 -19.40
CA GLY B 204 -74.92 10.25 -18.57
C GLY B 204 -75.65 9.16 -17.83
N THR B 205 -75.01 8.01 -17.66
CA THR B 205 -75.64 6.88 -16.98
C THR B 205 -74.77 6.37 -15.84
N GLN B 206 -73.45 6.43 -16.00
CA GLN B 206 -72.51 5.85 -15.06
C GLN B 206 -71.60 6.93 -14.48
N THR B 207 -71.15 6.70 -13.25
CA THR B 207 -70.26 7.61 -12.54
C THR B 207 -68.84 7.07 -12.56
N TYR B 208 -67.88 7.98 -12.70
CA TYR B 208 -66.46 7.63 -12.73
C TYR B 208 -65.72 8.45 -11.67
N ILE B 209 -65.14 7.77 -10.69
CA ILE B 209 -64.42 8.42 -9.60
C ILE B 209 -63.10 7.68 -9.44
N CYS B 210 -61.99 8.35 -9.76
CA CYS B 210 -60.66 7.77 -9.67
C CYS B 210 -60.13 7.95 -8.26
N ASN B 211 -59.94 6.84 -7.55
CA ASN B 211 -59.41 6.88 -6.19
C ASN B 211 -57.90 7.05 -6.23
N VAL B 212 -57.41 8.11 -5.60
CA VAL B 212 -55.98 8.40 -5.52
C VAL B 212 -55.55 8.24 -4.08
N ASN B 213 -54.39 7.62 -3.87
CA ASN B 213 -53.87 7.36 -2.53
C ASN B 213 -52.38 7.64 -2.53
N HIS B 214 -51.94 8.53 -1.65
CA HIS B 214 -50.54 8.92 -1.51
C HIS B 214 -50.17 8.82 -0.03
N LYS B 215 -49.66 7.66 0.37
CA LYS B 215 -49.30 7.46 1.77
C LYS B 215 -48.16 8.35 2.26
N PRO B 216 -47.15 8.71 1.46
CA PRO B 216 -46.11 9.63 1.97
C PRO B 216 -46.65 10.95 2.49
N SER B 217 -47.90 11.29 2.20
CA SER B 217 -48.53 12.49 2.76
C SER B 217 -49.89 12.19 3.39
N ASN B 218 -50.24 10.92 3.56
CA ASN B 218 -51.53 10.49 4.08
C ASN B 218 -52.67 11.12 3.28
N THR B 219 -52.54 11.07 1.96
CA THR B 219 -53.49 11.69 1.04
C THR B 219 -54.30 10.59 0.36
N LYS B 220 -55.61 10.64 0.54
CA LYS B 220 -56.54 9.67 -0.05
C LYS B 220 -57.64 10.45 -0.75
N VAL B 221 -57.50 10.63 -2.07
CA VAL B 221 -58.37 11.50 -2.85
C VAL B 221 -59.26 10.67 -3.76
N ASP B 222 -60.51 11.09 -3.90
CA ASP B 222 -61.48 10.47 -4.81
C ASP B 222 -62.07 11.58 -5.68
N LYS B 223 -61.52 11.75 -6.88
CA LYS B 223 -61.98 12.80 -7.78
C LYS B 223 -62.86 12.22 -8.88
N LYS B 224 -63.97 12.90 -9.16
CA LYS B 224 -64.95 12.46 -10.14
C LYS B 224 -64.71 13.17 -11.46
N VAL B 225 -64.75 12.41 -12.56
CA VAL B 225 -64.55 12.94 -13.91
C VAL B 225 -65.91 13.13 -14.56
N GLU B 226 -66.06 14.23 -15.30
CA GLU B 226 -67.28 14.55 -16.00
C GLU B 226 -66.97 14.90 -17.45
N PRO B 227 -67.77 14.42 -18.41
CA PRO B 227 -67.49 14.68 -19.82
C PRO B 227 -67.57 16.17 -20.15
N LYS B 228 -67.03 16.51 -21.32
CA LYS B 228 -66.92 17.89 -21.79
C LYS B 228 -66.23 18.79 -20.77
N LEU C 2 -14.57 5.01 -25.23
CA LEU C 2 -15.08 3.72 -25.69
C LEU C 2 -16.59 3.63 -25.51
N THR C 3 -17.26 3.08 -26.52
CA THR C 3 -18.72 3.03 -26.52
C THR C 3 -19.19 1.78 -27.26
N LEU C 4 -20.13 1.07 -26.65
CA LEU C 4 -20.74 -0.11 -27.26
C LEU C 4 -22.07 0.27 -27.91
N THR C 5 -22.38 -0.38 -29.03
CA THR C 5 -23.59 -0.09 -29.80
C THR C 5 -24.33 -1.39 -30.03
N GLN C 6 -25.53 -1.50 -29.47
CA GLN C 6 -26.37 -2.69 -29.60
C GLN C 6 -27.43 -2.46 -30.66
N SER C 7 -27.62 -3.45 -31.53
CA SER C 7 -28.62 -3.40 -32.60
C SER C 7 -29.24 -4.78 -32.75
N PRO C 8 -30.56 -4.85 -32.99
CA PRO C 8 -31.47 -3.70 -33.11
C PRO C 8 -31.98 -3.21 -31.76
N GLY C 9 -32.67 -2.08 -31.76
CA GLY C 9 -33.24 -1.54 -30.54
C GLY C 9 -34.30 -2.43 -29.95
N THR C 10 -35.40 -2.61 -30.70
CA THR C 10 -36.47 -3.51 -30.31
C THR C 10 -36.52 -4.69 -31.26
N LEU C 11 -36.78 -5.87 -30.72
CA LEU C 11 -36.80 -7.11 -31.50
C LEU C 11 -38.12 -7.82 -31.21
N SER C 12 -39.00 -7.86 -32.21
CA SER C 12 -40.30 -8.51 -32.08
C SER C 12 -40.18 -9.96 -32.51
N LEU C 13 -40.38 -10.87 -31.56
CA LEU C 13 -40.26 -12.30 -31.83
C LEU C 13 -41.27 -13.08 -31.00
N SER C 14 -41.93 -14.05 -31.65
CA SER C 14 -42.89 -14.92 -31.01
C SER C 14 -42.19 -16.09 -30.33
N PRO C 15 -42.77 -16.65 -29.27
CA PRO C 15 -42.12 -17.78 -28.59
C PRO C 15 -41.82 -18.92 -29.55
N GLY C 16 -40.62 -19.48 -29.42
CA GLY C 16 -40.16 -20.56 -30.26
C GLY C 16 -39.20 -20.15 -31.36
N LYS C 17 -39.12 -18.85 -31.66
CA LYS C 17 -38.27 -18.36 -32.72
C LYS C 17 -36.85 -18.10 -32.20
N ARG C 18 -35.95 -17.81 -33.13
CA ARG C 18 -34.54 -17.58 -32.81
C ARG C 18 -34.25 -16.08 -32.71
N ALA C 19 -33.50 -15.70 -31.70
CA ALA C 19 -33.10 -14.31 -31.48
C ALA C 19 -31.59 -14.17 -31.67
N THR C 20 -31.19 -13.10 -32.37
CA THR C 20 -29.78 -12.80 -32.60
C THR C 20 -29.54 -11.33 -32.34
N LEU C 21 -28.69 -11.03 -31.37
CA LEU C 21 -28.35 -9.66 -31.01
C LEU C 21 -26.92 -9.35 -31.45
N SER C 22 -26.62 -8.07 -31.57
CA SER C 22 -25.30 -7.62 -32.01
C SER C 22 -24.81 -6.51 -31.08
N CYS C 23 -23.56 -6.61 -30.67
CA CYS C 23 -22.91 -5.64 -29.79
C CYS C 23 -21.71 -5.07 -30.53
N ARG C 24 -21.92 -3.96 -31.23
CA ARG C 24 -20.85 -3.33 -31.98
C ARG C 24 -19.96 -2.49 -31.06
N ALA C 25 -18.65 -2.72 -31.15
CA ALA C 25 -17.67 -2.02 -30.33
C ALA C 25 -16.95 -0.98 -31.17
N SER C 26 -16.75 0.20 -30.60
CA SER C 26 -16.05 1.29 -31.29
C SER C 26 -14.55 1.12 -31.29
N GLN C 27 -14.02 0.05 -30.70
CA GLN C 27 -12.59 -0.20 -30.67
C GLN C 27 -12.38 -1.67 -30.32
N SER C 28 -11.15 -2.14 -30.55
CA SER C 28 -10.84 -3.54 -30.32
C SER C 28 -10.92 -3.88 -28.83
N VAL C 29 -11.26 -5.14 -28.54
CA VAL C 29 -11.40 -5.61 -27.17
C VAL C 29 -10.30 -6.62 -26.83
N SER C 32 -10.60 -11.51 -25.69
CA SER C 32 -12.04 -11.31 -25.75
C SER C 32 -12.64 -11.21 -24.36
N TYR C 33 -13.13 -10.01 -24.01
CA TYR C 33 -13.71 -9.75 -22.68
C TYR C 33 -15.04 -9.02 -22.89
N LEU C 34 -16.12 -9.79 -23.02
CA LEU C 34 -17.45 -9.22 -23.15
C LEU C 34 -18.43 -10.08 -22.37
N ALA C 35 -19.42 -9.43 -21.76
CA ALA C 35 -20.43 -10.11 -20.96
C ALA C 35 -21.81 -9.70 -21.42
N TRP C 36 -22.76 -10.63 -21.29
CA TRP C 36 -24.15 -10.39 -21.66
C TRP C 36 -25.04 -10.54 -20.43
N TYR C 37 -25.96 -9.59 -20.26
CA TYR C 37 -26.86 -9.58 -19.12
C TYR C 37 -28.29 -9.41 -19.59
N GLN C 38 -29.22 -10.10 -18.93
CA GLN C 38 -30.64 -9.86 -19.11
C GLN C 38 -31.21 -9.25 -17.85
N GLN C 39 -32.25 -8.43 -18.02
CA GLN C 39 -32.87 -7.73 -16.90
C GLN C 39 -34.38 -7.71 -17.14
N LYS C 40 -35.08 -8.63 -16.49
CA LYS C 40 -36.54 -8.61 -16.53
C LYS C 40 -37.05 -7.37 -15.82
N PRO C 41 -38.19 -6.82 -16.27
CA PRO C 41 -38.66 -5.54 -15.71
C PRO C 41 -38.93 -5.65 -14.23
N GLY C 42 -38.19 -4.86 -13.44
CA GLY C 42 -38.32 -4.83 -12.00
C GLY C 42 -37.27 -5.60 -11.25
N GLN C 43 -36.50 -6.44 -11.92
CA GLN C 43 -35.50 -7.29 -11.28
C GLN C 43 -34.10 -6.73 -11.52
N ALA C 44 -33.11 -7.38 -10.90
CA ALA C 44 -31.69 -7.08 -11.07
C ALA C 44 -31.14 -7.84 -12.26
N PRO C 45 -30.10 -7.32 -12.91
CA PRO C 45 -29.52 -8.03 -14.07
C PRO C 45 -28.98 -9.40 -13.67
N ARG C 46 -29.02 -10.32 -14.63
CA ARG C 46 -28.52 -11.67 -14.45
C ARG C 46 -27.47 -11.97 -15.50
N LEU C 47 -26.28 -12.38 -15.06
CA LEU C 47 -25.21 -12.71 -15.98
C LEU C 47 -25.57 -13.92 -16.83
N LEU C 48 -25.33 -13.83 -18.13
CA LEU C 48 -25.61 -14.90 -19.06
C LEU C 48 -24.37 -15.52 -19.67
N ILE C 49 -23.45 -14.70 -20.18
CA ILE C 49 -22.27 -15.18 -20.89
C ILE C 49 -21.08 -14.31 -20.50
N TYR C 50 -19.95 -14.96 -20.19
CA TYR C 50 -18.71 -14.27 -19.89
C TYR C 50 -17.64 -14.72 -20.88
N GLY C 51 -16.82 -13.77 -21.31
CA GLY C 51 -15.81 -14.07 -22.30
C GLY C 51 -16.37 -14.30 -23.69
N ALA C 52 -17.54 -13.73 -23.99
CA ALA C 52 -18.19 -13.81 -25.30
C ALA C 52 -18.66 -15.22 -25.65
N SER C 53 -17.89 -16.24 -25.25
CA SER C 53 -18.19 -17.62 -25.60
C SER C 53 -18.70 -18.43 -24.42
N ASN C 54 -18.00 -18.41 -23.29
CA ASN C 54 -18.33 -19.27 -22.17
C ASN C 54 -19.68 -18.87 -21.57
N ARG C 55 -20.47 -19.88 -21.20
CA ARG C 55 -21.79 -19.69 -20.64
C ARG C 55 -21.73 -19.82 -19.12
N ALA C 56 -22.45 -18.94 -18.43
CA ALA C 56 -22.42 -18.91 -16.97
C ALA C 56 -23.06 -20.17 -16.39
N THR C 57 -22.82 -20.39 -15.10
CA THR C 57 -23.33 -21.57 -14.43
C THR C 57 -24.85 -21.47 -14.25
N GLY C 58 -25.54 -22.57 -14.53
CA GLY C 58 -26.99 -22.59 -14.40
C GLY C 58 -27.74 -21.84 -15.47
N ILE C 59 -27.10 -21.57 -16.60
CA ILE C 59 -27.73 -20.84 -17.70
C ILE C 59 -28.16 -21.87 -18.75
N PRO C 60 -29.38 -21.80 -19.27
CA PRO C 60 -29.85 -22.80 -20.23
C PRO C 60 -28.99 -22.81 -21.49
N HIS C 61 -28.99 -23.97 -22.15
CA HIS C 61 -28.19 -24.16 -23.35
C HIS C 61 -28.64 -23.27 -24.51
N ARG C 62 -29.86 -22.72 -24.45
CA ARG C 62 -30.32 -21.88 -25.55
C ARG C 62 -29.49 -20.61 -25.66
N PHE C 63 -29.06 -20.06 -24.53
CA PHE C 63 -28.22 -18.86 -24.53
C PHE C 63 -26.82 -19.22 -24.97
N SER C 64 -26.41 -18.76 -26.14
CA SER C 64 -25.07 -18.98 -26.65
C SER C 64 -24.56 -17.70 -27.30
N GLY C 65 -23.25 -17.52 -27.25
CA GLY C 65 -22.65 -16.31 -27.78
C GLY C 65 -21.40 -16.62 -28.58
N SER C 66 -21.02 -15.65 -29.41
CA SER C 66 -19.83 -15.78 -30.25
C SER C 66 -19.41 -14.39 -30.68
N GLY C 67 -18.27 -14.33 -31.37
CA GLY C 67 -17.74 -13.09 -31.88
C GLY C 67 -16.35 -12.79 -31.33
N SER C 68 -15.71 -11.83 -31.99
CA SER C 68 -14.36 -11.42 -31.61
C SER C 68 -14.11 -10.02 -32.16
N GLY C 69 -13.20 -9.31 -31.50
CA GLY C 69 -12.83 -7.98 -31.95
C GLY C 69 -13.90 -6.93 -31.71
N THR C 70 -14.48 -6.41 -32.79
CA THR C 70 -15.48 -5.36 -32.70
C THR C 70 -16.90 -5.88 -32.77
N ASP C 71 -17.13 -7.00 -33.46
CA ASP C 71 -18.46 -7.55 -33.68
C ASP C 71 -18.67 -8.74 -32.77
N PHE C 72 -19.72 -8.69 -31.95
CA PHE C 72 -20.12 -9.79 -31.08
C PHE C 72 -21.61 -10.06 -31.27
N THR C 73 -21.99 -11.32 -31.05
CA THR C 73 -23.35 -11.77 -31.32
C THR C 73 -23.84 -12.68 -30.22
N LEU C 74 -25.02 -12.38 -29.67
CA LEU C 74 -25.71 -13.24 -28.73
C LEU C 74 -26.88 -13.92 -29.45
N THR C 75 -26.97 -15.24 -29.31
CA THR C 75 -27.97 -16.03 -30.02
C THR C 75 -28.71 -16.92 -29.04
N ILE C 76 -30.04 -16.96 -29.16
CA ILE C 76 -30.88 -17.84 -28.36
C ILE C 76 -31.48 -18.88 -29.30
N SER C 77 -31.33 -20.15 -28.93
CA SER C 77 -31.77 -21.25 -29.80
C SER C 77 -33.27 -21.17 -30.07
N ARG C 78 -34.08 -21.33 -29.03
CA ARG C 78 -35.53 -21.23 -29.13
C ARG C 78 -36.02 -20.38 -27.97
N LEU C 79 -36.72 -19.30 -28.28
CA LEU C 79 -37.19 -18.38 -27.24
C LEU C 79 -38.23 -19.05 -26.37
N GLU C 80 -38.18 -18.75 -25.07
CA GLU C 80 -39.11 -19.23 -24.08
C GLU C 80 -39.86 -18.05 -23.46
N PRO C 81 -41.05 -18.28 -22.88
CA PRO C 81 -41.79 -17.16 -22.30
C PRO C 81 -41.05 -16.41 -21.20
N GLU C 82 -40.05 -17.02 -20.57
CA GLU C 82 -39.28 -16.36 -19.53
C GLU C 82 -38.08 -15.59 -20.08
N ASP C 83 -37.97 -15.46 -21.40
CA ASP C 83 -36.80 -14.85 -22.03
C ASP C 83 -37.09 -13.48 -22.62
N PHE C 84 -38.28 -12.92 -22.40
CA PHE C 84 -38.64 -11.62 -22.94
C PHE C 84 -38.24 -10.55 -21.92
N ALA C 85 -37.11 -9.89 -22.16
CA ALA C 85 -36.58 -8.87 -21.27
C ALA C 85 -35.64 -7.98 -22.06
N VAL C 86 -34.94 -7.08 -21.36
CA VAL C 86 -33.93 -6.21 -21.96
C VAL C 86 -32.57 -6.86 -21.80
N TYR C 87 -31.72 -6.70 -22.80
CA TYR C 87 -30.41 -7.34 -22.82
C TYR C 87 -29.31 -6.30 -22.98
N TYR C 88 -28.24 -6.46 -22.21
CA TYR C 88 -27.11 -5.54 -22.22
C TYR C 88 -25.83 -6.31 -22.46
N CYS C 89 -24.90 -5.69 -23.20
CA CYS C 89 -23.54 -6.19 -23.32
C CYS C 89 -22.59 -5.24 -22.61
N GLN C 90 -21.65 -5.83 -21.86
CA GLN C 90 -20.71 -5.07 -21.05
C GLN C 90 -19.29 -5.54 -21.34
N GLN C 91 -18.38 -4.60 -21.49
CA GLN C 91 -16.96 -4.88 -21.64
C GLN C 91 -16.26 -4.69 -20.30
N TYR C 92 -15.54 -5.72 -19.85
CA TYR C 92 -14.79 -5.67 -18.60
C TYR C 92 -13.30 -5.86 -18.83
N GLY C 93 -12.83 -5.71 -20.07
CA GLY C 93 -11.41 -5.87 -20.35
C GLY C 93 -10.57 -4.67 -19.98
N SER C 94 -11.14 -3.47 -20.03
CA SER C 94 -10.43 -2.27 -19.64
C SER C 94 -11.24 -1.49 -18.62
N SER C 95 -11.95 -0.45 -19.06
CA SER C 95 -12.87 0.27 -18.19
C SER C 95 -14.28 -0.25 -18.42
N PRO C 96 -14.99 -0.64 -17.36
CA PRO C 96 -16.33 -1.24 -17.54
C PRO C 96 -17.31 -0.27 -18.18
N THR C 97 -17.80 -0.65 -19.35
CA THR C 97 -18.78 0.14 -20.07
C THR C 97 -19.89 -0.78 -20.58
N PHE C 98 -21.13 -0.30 -20.51
CA PHE C 98 -22.30 -1.07 -20.91
C PHE C 98 -22.87 -0.52 -22.21
N GLY C 99 -23.72 -1.33 -22.83
CA GLY C 99 -24.47 -0.92 -23.99
C GLY C 99 -25.87 -0.47 -23.62
N GLN C 100 -26.58 0.06 -24.61
CA GLN C 100 -27.95 0.52 -24.41
C GLN C 100 -28.88 -0.70 -24.34
N GLY C 101 -30.19 -0.45 -24.35
CA GLY C 101 -31.13 -1.55 -24.28
C GLY C 101 -31.27 -2.28 -25.60
N THR C 102 -31.56 -3.58 -25.50
CA THR C 102 -31.91 -4.43 -26.65
C THR C 102 -33.16 -5.19 -26.24
N ARG C 103 -34.30 -4.51 -26.32
CA ARG C 103 -35.55 -5.05 -25.79
C ARG C 103 -36.09 -6.15 -26.70
N VAL C 104 -36.51 -7.26 -26.09
CA VAL C 104 -37.15 -8.37 -26.78
C VAL C 104 -38.55 -8.53 -26.21
N ASP C 105 -39.55 -8.42 -27.08
CA ASP C 105 -40.95 -8.47 -26.68
C ASP C 105 -41.68 -9.57 -27.43
N ILE C 106 -42.88 -9.89 -26.95
CA ILE C 106 -43.71 -10.92 -27.56
C ILE C 106 -44.28 -10.39 -28.87
N LYS C 107 -44.14 -11.16 -29.94
CA LYS C 107 -44.62 -10.73 -31.23
C LYS C 107 -46.14 -10.86 -31.31
N ARG C 108 -46.74 -9.99 -32.12
CA ARG C 108 -48.19 -9.91 -32.23
C ARG C 108 -48.52 -9.24 -33.55
N THR C 109 -49.71 -9.56 -34.08
CA THR C 109 -50.21 -8.85 -35.25
C THR C 109 -50.27 -7.36 -34.97
N VAL C 110 -49.88 -6.56 -35.97
CA VAL C 110 -49.78 -5.12 -35.76
C VAL C 110 -51.14 -4.53 -35.42
N ALA C 111 -51.13 -3.47 -34.64
CA ALA C 111 -52.36 -2.79 -34.22
C ALA C 111 -52.16 -1.29 -34.35
N ALA C 112 -53.11 -0.62 -34.98
CA ALA C 112 -53.02 0.82 -35.15
C ALA C 112 -53.30 1.52 -33.83
N PRO C 113 -52.61 2.62 -33.53
CA PRO C 113 -52.86 3.33 -32.27
C PRO C 113 -54.14 4.15 -32.31
N SER C 114 -54.37 4.95 -31.27
CA SER C 114 -55.54 5.79 -31.18
C SER C 114 -55.11 7.19 -30.75
N VAL C 115 -55.81 8.21 -31.26
CA VAL C 115 -55.41 9.60 -31.07
C VAL C 115 -55.68 10.04 -29.65
N PHE C 116 -56.96 10.24 -29.31
CA PHE C 116 -57.40 10.62 -27.97
C PHE C 116 -56.60 11.82 -27.43
N ILE C 117 -56.83 12.96 -28.06
CA ILE C 117 -56.22 14.21 -27.61
C ILE C 117 -56.96 14.71 -26.38
N PHE C 118 -56.20 15.11 -25.35
CA PHE C 118 -56.77 15.58 -24.10
C PHE C 118 -56.34 17.02 -23.84
N PRO C 119 -57.27 17.95 -23.65
CA PRO C 119 -56.89 19.32 -23.30
C PRO C 119 -56.77 19.48 -21.79
N PRO C 120 -56.14 20.55 -21.32
CA PRO C 120 -56.10 20.81 -19.88
C PRO C 120 -57.49 21.16 -19.34
N SER C 121 -57.59 21.19 -18.01
CA SER C 121 -58.85 21.43 -17.33
C SER C 121 -58.85 22.81 -16.70
N ASP C 122 -60.04 23.24 -16.28
CA ASP C 122 -60.17 24.56 -15.64
C ASP C 122 -59.52 24.59 -14.27
N GLU C 123 -59.53 23.46 -13.55
CA GLU C 123 -58.87 23.41 -12.25
C GLU C 123 -57.36 23.58 -12.39
N GLN C 124 -56.80 23.23 -13.55
CA GLN C 124 -55.37 23.35 -13.75
C GLN C 124 -54.96 24.77 -14.16
N LEU C 125 -55.83 25.49 -14.88
CA LEU C 125 -55.50 26.85 -15.26
C LEU C 125 -55.45 27.78 -14.06
N LYS C 126 -56.17 27.45 -12.98
CA LYS C 126 -56.11 28.27 -11.78
C LYS C 126 -54.75 28.16 -11.10
N SER C 127 -54.07 27.03 -11.25
CA SER C 127 -52.74 26.86 -10.66
C SER C 127 -51.66 27.61 -11.42
N GLY C 128 -51.95 28.11 -12.62
CA GLY C 128 -50.98 28.84 -13.40
C GLY C 128 -50.22 28.02 -14.42
N THR C 129 -50.42 26.70 -14.45
CA THR C 129 -49.75 25.82 -15.39
C THR C 129 -50.75 25.23 -16.38
N ALA C 130 -50.22 24.61 -17.43
CA ALA C 130 -51.05 24.00 -18.46
C ALA C 130 -50.38 22.72 -18.95
N SER C 131 -51.18 21.68 -19.13
CA SER C 131 -50.68 20.39 -19.60
C SER C 131 -51.69 19.79 -20.56
N VAL C 132 -51.27 19.58 -21.80
CA VAL C 132 -52.07 18.93 -22.83
C VAL C 132 -51.50 17.54 -23.06
N VAL C 133 -52.37 16.52 -23.08
CA VAL C 133 -51.97 15.12 -23.09
C VAL C 133 -52.40 14.49 -24.40
N CYS C 134 -51.55 13.62 -24.93
CA CYS C 134 -51.86 12.79 -26.09
C CYS C 134 -51.74 11.33 -25.70
N LEU C 135 -52.80 10.56 -25.92
CA LEU C 135 -52.92 9.20 -25.40
C LEU C 135 -52.97 8.20 -26.55
N LEU C 136 -51.93 7.38 -26.66
CA LEU C 136 -51.91 6.25 -27.59
C LEU C 136 -52.32 5.00 -26.84
N ASN C 137 -53.23 4.22 -27.43
CA ASN C 137 -53.86 3.11 -26.71
C ASN C 137 -53.83 1.84 -27.56
N ASN C 138 -53.30 0.76 -26.98
CA ASN C 138 -53.35 -0.59 -27.54
C ASN C 138 -52.80 -0.65 -28.97
N PHE C 139 -51.50 -0.36 -29.07
CA PHE C 139 -50.81 -0.36 -30.35
C PHE C 139 -49.63 -1.31 -30.31
N TYR C 140 -49.17 -1.71 -31.49
CA TYR C 140 -48.04 -2.60 -31.64
C TYR C 140 -47.49 -2.43 -33.05
N PRO C 141 -46.17 -2.40 -33.25
CA PRO C 141 -45.12 -2.58 -32.25
C PRO C 141 -44.87 -1.36 -31.37
N ARG C 142 -43.76 -1.38 -30.61
CA ARG C 142 -43.46 -0.30 -29.68
C ARG C 142 -42.96 0.95 -30.39
N GLU C 143 -42.32 0.80 -31.55
CA GLU C 143 -41.71 1.93 -32.26
C GLU C 143 -42.74 3.01 -32.58
N ALA C 144 -42.60 4.17 -31.95
CA ALA C 144 -43.51 5.29 -32.18
C ALA C 144 -42.83 6.58 -31.75
N LYS C 145 -42.77 7.54 -32.67
CA LYS C 145 -42.26 8.87 -32.38
C LYS C 145 -43.38 9.88 -32.58
N VAL C 146 -43.50 10.82 -31.65
CA VAL C 146 -44.64 11.74 -31.61
C VAL C 146 -44.20 13.12 -32.09
N GLN C 147 -44.88 13.61 -33.12
CA GLN C 147 -44.80 15.00 -33.54
C GLN C 147 -46.24 15.52 -33.59
N TRP C 148 -46.88 15.54 -32.43
CA TRP C 148 -48.35 15.60 -32.35
C TRP C 148 -48.91 16.89 -32.95
N LYS C 149 -48.20 18.00 -32.82
CA LYS C 149 -48.62 19.29 -33.40
C LYS C 149 -49.93 19.69 -32.72
N VAL C 150 -50.98 20.02 -33.46
CA VAL C 150 -52.27 20.44 -32.91
C VAL C 150 -52.10 21.57 -31.89
N ASP C 151 -51.49 22.67 -32.33
CA ASP C 151 -51.31 23.87 -31.53
C ASP C 151 -50.86 25.06 -32.39
N GLY C 157 -39.43 20.06 -27.26
CA GLY C 157 -38.52 20.71 -26.33
C GLY C 157 -39.08 20.89 -24.94
N ASN C 158 -40.40 20.74 -24.81
CA ASN C 158 -41.08 20.88 -23.53
C ASN C 158 -42.10 19.77 -23.31
N SER C 159 -41.82 18.56 -23.79
CA SER C 159 -42.72 17.43 -23.66
C SER C 159 -41.96 16.21 -23.15
N GLN C 160 -42.71 15.23 -22.66
CA GLN C 160 -42.15 13.97 -22.20
C GLN C 160 -43.10 12.84 -22.59
N GLU C 161 -42.55 11.63 -22.61
CA GLU C 161 -43.31 10.44 -22.95
C GLU C 161 -43.40 9.51 -21.73
N SER C 162 -44.34 8.57 -21.81
CA SER C 162 -44.49 7.55 -20.78
C SER C 162 -45.17 6.35 -21.44
N VAL C 163 -44.50 5.22 -21.47
CA VAL C 163 -44.99 4.01 -22.14
C VAL C 163 -45.09 2.90 -21.11
N THR C 164 -46.21 2.17 -21.14
CA THR C 164 -46.36 1.00 -20.29
C THR C 164 -45.67 -0.20 -20.92
N GLU C 165 -45.60 -1.28 -20.15
CA GLU C 165 -44.98 -2.52 -20.63
C GLU C 165 -45.99 -3.36 -21.40
N GLN C 166 -45.49 -4.41 -22.04
CA GLN C 166 -46.33 -5.29 -22.82
C GLN C 166 -47.30 -6.03 -21.90
N ASP C 167 -48.59 -5.88 -22.15
CA ASP C 167 -49.60 -6.50 -21.29
C ASP C 167 -49.61 -8.01 -21.48
N SER C 168 -49.82 -8.72 -20.37
CA SER C 168 -49.88 -10.17 -20.43
C SER C 168 -51.19 -10.68 -21.01
N LYS C 169 -52.18 -9.81 -21.21
CA LYS C 169 -53.48 -10.23 -21.74
C LYS C 169 -53.52 -10.16 -23.26
N ASP C 170 -53.00 -9.09 -23.86
CA ASP C 170 -53.09 -8.92 -25.30
C ASP C 170 -51.76 -8.54 -25.95
N SER C 171 -50.71 -8.30 -25.16
CA SER C 171 -49.38 -7.98 -25.67
C SER C 171 -49.40 -6.70 -26.51
N THR C 172 -49.97 -5.64 -25.96
CA THR C 172 -50.05 -4.35 -26.62
C THR C 172 -49.48 -3.27 -25.71
N TYR C 173 -49.01 -2.19 -26.33
CA TYR C 173 -48.41 -1.07 -25.61
C TYR C 173 -49.39 0.10 -25.52
N SER C 174 -48.95 1.16 -24.84
CA SER C 174 -49.73 2.38 -24.69
C SER C 174 -48.79 3.52 -24.33
N LEU C 175 -48.97 4.66 -25.00
CA LEU C 175 -48.12 5.83 -24.81
C LEU C 175 -48.96 7.02 -24.39
N SER C 176 -48.37 7.88 -23.55
CA SER C 176 -49.03 9.10 -23.09
C SER C 176 -47.98 10.21 -23.10
N SER C 177 -48.06 11.08 -24.09
CA SER C 177 -47.15 12.22 -24.20
C SER C 177 -47.79 13.44 -23.59
N THR C 178 -47.09 14.08 -22.65
CA THR C 178 -47.59 15.24 -21.94
C THR C 178 -46.70 16.44 -22.21
N LEU C 179 -47.31 17.61 -22.33
CA LEU C 179 -46.61 18.86 -22.60
C LEU C 179 -46.71 19.78 -21.39
N THR C 180 -45.59 20.40 -21.03
CA THR C 180 -45.59 21.42 -20.01
C THR C 180 -45.78 22.80 -20.66
N LEU C 181 -46.28 23.74 -19.88
CA LEU C 181 -46.58 25.07 -20.40
C LEU C 181 -46.72 26.09 -19.29
N ASP C 185 -48.62 31.57 -22.20
CA ASP C 185 -48.38 30.91 -23.48
C ASP C 185 -49.58 30.07 -23.89
N TYR C 186 -50.71 30.72 -24.14
CA TYR C 186 -51.93 30.02 -24.52
C TYR C 186 -52.79 30.95 -25.37
N GLU C 187 -53.25 30.46 -26.51
CA GLU C 187 -54.14 31.21 -27.38
C GLU C 187 -55.46 30.46 -27.54
N LYS C 188 -56.56 31.19 -27.42
CA LYS C 188 -57.90 30.67 -27.65
C LYS C 188 -58.21 29.43 -26.80
N HIS C 189 -59.20 28.66 -27.23
CA HIS C 189 -59.65 27.47 -26.52
C HIS C 189 -59.67 26.21 -27.38
N LYS C 190 -59.67 26.33 -28.70
CA LYS C 190 -59.66 25.20 -29.61
C LYS C 190 -58.40 25.21 -30.46
N VAL C 191 -58.25 24.15 -31.24
CA VAL C 191 -57.11 23.90 -32.13
C VAL C 191 -55.77 24.24 -31.46
N GLU C 195 -50.63 14.40 -34.45
CA GLU C 195 -49.94 13.74 -35.55
C GLU C 195 -48.89 12.76 -35.02
N VAL C 196 -49.07 11.48 -35.37
CA VAL C 196 -48.19 10.43 -34.88
C VAL C 196 -47.45 9.81 -36.07
N THR C 197 -46.38 9.11 -35.77
CA THR C 197 -45.58 8.38 -36.76
C THR C 197 -45.52 6.92 -36.31
N HIS C 198 -46.39 6.08 -36.88
CA HIS C 198 -46.47 4.69 -36.49
C HIS C 198 -46.66 3.81 -37.71
N GLN C 199 -46.32 2.53 -37.56
CA GLN C 199 -46.43 1.56 -38.63
C GLN C 199 -47.85 1.05 -38.83
N GLY C 200 -48.66 1.04 -37.77
CA GLY C 200 -49.98 0.43 -37.85
C GLY C 200 -50.87 1.05 -38.91
N LEU C 201 -50.87 2.37 -39.00
CA LEU C 201 -51.66 3.08 -40.00
C LEU C 201 -50.73 3.68 -41.05
N SER C 202 -51.16 3.59 -42.32
CA SER C 202 -50.34 4.10 -43.42
C SER C 202 -50.27 5.63 -43.39
N SER C 203 -51.37 6.29 -43.07
CA SER C 203 -51.40 7.76 -43.03
C SER C 203 -51.07 8.25 -41.63
N PRO C 204 -50.09 9.15 -41.47
CA PRO C 204 -49.70 9.70 -40.16
C PRO C 204 -50.85 10.43 -39.48
N LEU D 4 31.86 4.46 4.49
CA LEU D 4 30.81 5.02 3.66
C LEU D 4 29.46 5.03 4.38
N LEU D 5 29.21 3.98 5.16
CA LEU D 5 27.95 3.85 5.88
C LEU D 5 28.00 4.63 7.17
N GLU D 6 26.98 5.47 7.41
CA GLU D 6 26.90 6.19 8.67
C GLU D 6 26.59 5.23 9.81
N GLN D 7 26.82 5.71 11.03
CA GLN D 7 26.58 4.90 12.21
C GLN D 7 26.34 5.83 13.39
N SER D 8 25.66 5.29 14.41
CA SER D 8 25.34 6.08 15.58
C SER D 8 26.59 6.45 16.36
N GLY D 9 26.46 7.48 17.19
CA GLY D 9 27.57 7.94 18.00
C GLY D 9 27.79 7.08 19.23
N ALA D 10 28.84 7.42 19.96
CA ALA D 10 29.19 6.68 21.17
C ALA D 10 28.16 6.91 22.27
N GLU D 11 28.02 5.92 23.15
CA GLU D 11 27.05 5.99 24.24
C GLU D 11 27.63 5.32 25.47
N LEU D 12 27.12 5.74 26.63
CA LEU D 12 27.43 5.12 27.92
C LEU D 12 26.13 4.61 28.51
N LYS D 13 25.99 3.29 28.62
CA LYS D 13 24.80 2.66 29.17
C LYS D 13 25.15 1.92 30.44
N LYS D 14 24.33 2.09 31.47
CA LYS D 14 24.55 1.40 32.73
C LYS D 14 24.18 -0.08 32.59
N PRO D 15 24.82 -0.95 33.36
CA PRO D 15 24.55 -2.39 33.25
C PRO D 15 23.09 -2.71 33.53
N GLY D 16 22.48 -3.48 32.62
CA GLY D 16 21.09 -3.91 32.73
C GLY D 16 20.19 -3.28 31.68
N SER D 17 20.55 -2.10 31.18
CA SER D 17 19.72 -1.39 30.22
C SER D 17 19.93 -1.98 28.83
N SER D 18 19.42 -1.29 27.81
CA SER D 18 19.61 -1.69 26.42
C SER D 18 20.21 -0.54 25.64
N VAL D 19 20.68 -0.86 24.43
CA VAL D 19 21.35 0.11 23.57
C VAL D 19 20.93 -0.17 22.13
N LYS D 20 20.68 0.92 21.39
CA LYS D 20 20.31 0.83 19.98
C LYS D 20 21.36 1.57 19.16
N VAL D 21 21.84 0.91 18.10
CA VAL D 21 22.86 1.48 17.22
C VAL D 21 22.30 1.51 15.80
N SER D 22 22.31 2.69 15.19
CA SER D 22 21.76 2.85 13.85
C SER D 22 22.87 2.75 12.81
N CYS D 23 22.48 2.35 11.60
CA CYS D 23 23.40 2.21 10.48
C CYS D 23 22.69 2.70 9.22
N LYS D 24 23.21 3.76 8.62
CA LYS D 24 22.57 4.42 7.50
C LYS D 24 23.47 4.34 6.28
N PRO D 25 23.07 3.67 5.20
CA PRO D 25 23.83 3.74 3.95
C PRO D 25 23.79 5.14 3.37
N SER D 26 24.85 5.49 2.64
CA SER D 26 24.96 6.81 2.04
C SER D 26 23.96 7.04 0.90
N ASP D 27 23.34 5.98 0.37
CA ASP D 27 22.42 6.14 -0.74
C ASP D 27 21.05 6.68 -0.32
N GLY D 28 20.68 6.49 0.95
CA GLY D 28 19.34 6.83 1.39
C GLY D 28 18.30 5.78 1.06
N THR D 29 18.66 4.72 0.35
CA THR D 29 17.76 3.62 0.02
C THR D 29 18.47 2.30 0.26
N PHE D 30 17.68 1.25 0.43
CA PHE D 30 18.21 -0.09 0.62
C PHE D 30 18.35 -0.81 -0.72
N ARG D 31 19.34 -1.67 -0.81
CA ARG D 31 19.66 -2.39 -2.04
C ARG D 31 19.83 -3.87 -1.70
N ALA D 32 20.23 -4.66 -2.70
CA ALA D 32 20.33 -6.10 -2.56
C ALA D 32 21.66 -6.46 -1.91
N TYR D 33 21.64 -6.52 -0.57
CA TYR D 33 22.82 -6.91 0.19
C TYR D 33 22.39 -7.27 1.61
N THR D 34 23.22 -8.08 2.27
CA THR D 34 23.03 -8.40 3.67
C THR D 34 23.82 -7.43 4.54
N LEU D 35 23.18 -6.95 5.60
CA LEU D 35 23.76 -5.94 6.48
C LEU D 35 24.09 -6.62 7.82
N SER D 36 25.33 -7.09 7.94
CA SER D 36 25.78 -7.80 9.12
C SER D 36 26.22 -6.82 10.21
N TRP D 37 26.27 -7.32 11.44
CA TRP D 37 26.72 -6.55 12.59
C TRP D 37 27.89 -7.28 13.24
N VAL D 38 29.04 -6.60 13.33
CA VAL D 38 30.26 -7.17 13.89
C VAL D 38 30.73 -6.27 15.02
N ARG D 39 31.21 -6.88 16.10
CA ARG D 39 31.76 -6.13 17.22
C ARG D 39 33.17 -6.63 17.53
N GLN D 40 33.90 -5.82 18.30
CA GLN D 40 35.29 -6.12 18.65
C GLN D 40 35.54 -5.65 20.08
N ALA D 41 35.64 -6.59 21.01
CA ALA D 41 35.92 -6.27 22.39
C ALA D 41 37.35 -5.76 22.53
N PRO D 42 37.64 -4.99 23.58
CA PRO D 42 39.01 -4.50 23.79
C PRO D 42 39.99 -5.65 23.93
N GLY D 43 40.94 -5.71 23.01
CA GLY D 43 41.92 -6.78 23.03
C GLY D 43 41.36 -8.14 22.66
N GLN D 44 40.39 -8.17 21.76
CA GLN D 44 39.75 -9.41 21.35
C GLN D 44 39.59 -9.41 19.84
N THR D 45 39.35 -10.59 19.28
CA THR D 45 39.16 -10.73 17.86
C THR D 45 37.75 -10.30 17.46
N LEU D 46 37.56 -10.10 16.16
CA LEU D 46 36.26 -9.67 15.65
C LEU D 46 35.21 -10.74 15.90
N GLU D 47 34.07 -10.34 16.44
CA GLU D 47 32.98 -11.24 16.75
C GLU D 47 31.75 -10.86 15.93
N TRP D 48 31.18 -11.83 15.23
CA TRP D 48 30.02 -11.62 14.39
C TRP D 48 28.75 -11.88 15.21
N MET D 49 27.83 -10.91 15.19
CA MET D 49 26.63 -10.96 16.03
C MET D 49 25.41 -11.46 15.26
N GLY D 50 25.04 -10.77 14.19
CA GLY D 50 23.84 -11.15 13.45
C GLY D 50 23.86 -10.60 12.04
N ARG D 51 22.88 -11.05 11.26
CA ARG D 51 22.73 -10.68 9.86
C ARG D 51 21.28 -10.33 9.60
N ILE D 52 21.05 -9.32 8.77
CA ILE D 52 19.71 -8.93 8.37
C ILE D 52 19.71 -8.60 6.88
N MET D 53 18.67 -9.02 6.18
CA MET D 53 18.44 -8.58 4.80
C MET D 53 17.36 -7.52 4.82
N PRO D 54 17.68 -6.24 4.59
CA PRO D 54 16.65 -5.20 4.70
C PRO D 54 15.56 -5.30 3.65
N THR D 55 15.80 -6.00 2.55
CA THR D 55 14.81 -6.11 1.49
C THR D 55 13.72 -7.12 1.84
N VAL D 56 14.08 -8.24 2.46
CA VAL D 56 13.13 -9.28 2.78
C VAL D 56 12.80 -9.34 4.27
N GLY D 57 13.71 -8.95 5.15
CA GLY D 57 13.45 -8.92 6.57
C GLY D 57 13.88 -10.15 7.35
N ILE D 58 14.81 -10.94 6.82
CA ILE D 58 15.29 -12.13 7.51
C ILE D 58 16.36 -11.74 8.52
N THR D 59 16.31 -12.35 9.71
CA THR D 59 17.31 -12.12 10.74
C THR D 59 17.92 -13.45 11.15
N ASN D 60 19.25 -13.47 11.27
CA ASN D 60 19.99 -14.64 11.72
C ASN D 60 20.96 -14.19 12.81
N TYR D 61 20.68 -14.57 14.05
CA TYR D 61 21.50 -14.19 15.18
C TYR D 61 22.46 -15.32 15.54
N ALA D 62 23.56 -14.95 16.20
CA ALA D 62 24.53 -15.93 16.67
C ALA D 62 24.03 -16.58 17.96
N GLN D 63 24.47 -17.82 18.19
CA GLN D 63 24.00 -18.56 19.36
C GLN D 63 24.42 -17.88 20.65
N LYS D 64 25.52 -17.11 20.62
CA LYS D 64 25.98 -16.43 21.81
C LYS D 64 25.03 -15.29 22.22
N PHE D 65 24.54 -14.53 21.24
CA PHE D 65 23.67 -13.40 21.51
C PHE D 65 22.20 -13.72 21.33
N GLN D 66 21.86 -14.98 21.07
CA GLN D 66 20.47 -15.34 20.85
C GLN D 66 19.67 -15.17 22.15
N GLY D 67 18.60 -14.38 22.08
CA GLY D 67 17.75 -14.13 23.22
C GLY D 67 17.87 -12.75 23.81
N ARG D 68 18.91 -11.98 23.45
CA ARG D 68 19.07 -10.64 23.99
C ARG D 68 19.55 -9.64 22.96
N VAL D 69 19.54 -9.99 21.67
CA VAL D 69 19.87 -9.06 20.60
C VAL D 69 18.69 -9.02 19.63
N THR D 70 18.48 -7.86 19.02
CA THR D 70 17.38 -7.66 18.08
C THR D 70 17.85 -6.69 17.01
N ILE D 71 17.96 -7.19 15.78
CA ILE D 71 18.37 -6.38 14.64
C ILE D 71 17.12 -6.03 13.84
N SER D 72 16.66 -4.79 13.97
CA SER D 72 15.48 -4.31 13.28
C SER D 72 15.88 -3.50 12.05
N ALA D 73 14.89 -3.24 11.20
CA ALA D 73 15.08 -2.43 10.01
C ALA D 73 13.88 -1.53 9.81
N ASP D 74 14.13 -0.36 9.23
CA ASP D 74 13.08 0.64 9.00
C ASP D 74 13.27 1.20 7.60
N MET D 75 12.48 0.71 6.65
CA MET D 75 12.56 1.20 5.28
C MET D 75 11.98 2.62 5.21
N SER D 76 12.19 3.26 4.05
CA SER D 76 11.87 4.67 3.81
C SER D 76 12.80 5.58 4.60
N THR D 77 13.38 5.06 5.69
CA THR D 77 14.41 5.77 6.45
C THR D 77 15.81 5.26 6.13
N ALA D 78 15.94 4.03 5.65
CA ALA D 78 17.22 3.44 5.28
C ALA D 78 18.18 3.43 6.46
N THR D 79 17.68 3.03 7.62
CA THR D 79 18.48 2.95 8.84
C THR D 79 18.19 1.64 9.54
N ALA D 80 19.19 0.78 9.63
CA ALA D 80 19.09 -0.46 10.38
C ALA D 80 19.50 -0.23 11.84
N TYR D 81 18.84 -0.95 12.74
CA TYR D 81 19.08 -0.79 14.16
C TYR D 81 19.50 -2.11 14.78
N MET D 82 20.07 -2.03 15.99
CA MET D 82 20.54 -3.21 16.72
C MET D 82 20.18 -3.02 18.19
N GLU D 83 19.11 -3.68 18.62
CA GLU D 83 18.66 -3.61 20.01
C GLU D 83 19.41 -4.66 20.83
N LEU D 84 20.32 -4.20 21.69
CA LEU D 84 21.14 -5.08 22.52
C LEU D 84 20.71 -4.88 23.98
N SER D 85 19.88 -5.78 24.49
CA SER D 85 19.37 -5.70 25.86
C SER D 85 20.21 -6.57 26.79
N SER D 86 19.90 -6.45 28.08
CA SER D 86 20.57 -7.20 29.14
C SER D 86 22.08 -7.01 29.08
N LEU D 87 22.48 -5.74 29.13
CA LEU D 87 23.89 -5.39 28.99
C LEU D 87 24.69 -5.83 30.22
N ARG D 88 25.99 -6.02 30.01
CA ARG D 88 26.90 -6.42 31.07
C ARG D 88 28.27 -5.81 30.78
N SER D 89 29.24 -6.16 31.61
CA SER D 89 30.55 -5.51 31.53
C SER D 89 31.29 -5.86 30.24
N ASP D 90 31.24 -7.13 29.84
CA ASP D 90 32.00 -7.57 28.67
C ASP D 90 31.43 -7.08 27.35
N ASP D 91 30.25 -6.47 27.36
CA ASP D 91 29.64 -5.97 26.13
C ASP D 91 30.25 -4.64 25.68
N THR D 92 31.05 -3.99 26.50
CA THR D 92 31.71 -2.76 26.11
C THR D 92 32.67 -3.02 24.95
N ALA D 93 32.32 -2.55 23.76
CA ALA D 93 33.13 -2.81 22.58
C ALA D 93 32.75 -1.82 21.49
N ILE D 94 33.48 -1.89 20.38
CA ILE D 94 33.15 -1.12 19.17
C ILE D 94 32.29 -2.00 18.29
N TYR D 95 31.20 -1.43 17.76
CA TYR D 95 30.23 -2.16 16.96
C TYR D 95 30.23 -1.64 15.54
N TYR D 96 30.41 -2.55 14.58
CA TYR D 96 30.43 -2.21 13.17
C TYR D 96 29.23 -2.85 12.46
N CYS D 97 28.71 -2.15 11.46
CA CYS D 97 27.73 -2.71 10.54
C CYS D 97 28.39 -2.87 9.17
N ALA D 98 28.35 -4.09 8.65
CA ALA D 98 29.05 -4.44 7.42
C ALA D 98 28.07 -4.88 6.34
N LYS D 99 28.42 -4.58 5.10
CA LYS D 99 27.59 -4.89 3.94
C LYS D 99 28.10 -6.17 3.30
N GLY D 100 27.37 -7.27 3.49
CA GLY D 100 27.69 -8.51 2.85
C GLY D 100 26.88 -8.70 1.58
N PRO D 101 27.33 -9.58 0.69
CA PRO D 101 26.59 -9.80 -0.56
C PRO D 101 25.20 -10.35 -0.30
N TYR D 102 24.28 -10.05 -1.21
CA TYR D 102 22.90 -10.50 -1.06
C TYR D 102 22.78 -12.02 -1.13
N VAL D 103 23.65 -12.67 -1.92
CA VAL D 103 23.55 -14.11 -2.08
C VAL D 103 23.79 -14.83 -0.76
N GLY D 104 24.59 -14.23 0.12
CA GLY D 104 24.86 -14.82 1.42
C GLY D 104 26.13 -14.23 2.00
N LEU D 105 26.74 -14.98 2.89
CA LEU D 105 28.02 -14.55 3.45
C LEU D 105 29.14 -15.28 2.72
N GLY D 106 30.19 -15.65 3.44
CA GLY D 106 31.24 -16.44 2.84
C GLY D 106 32.23 -15.58 2.08
N GLU D 107 31.71 -14.76 1.17
CA GLU D 107 32.53 -13.85 0.40
C GLU D 107 32.93 -12.61 1.18
N GLY D 108 32.61 -12.54 2.47
CA GLY D 108 33.07 -11.44 3.31
C GLY D 108 32.11 -10.27 3.32
N PHE D 109 32.67 -9.10 3.62
CA PHE D 109 31.92 -7.85 3.73
C PHE D 109 32.62 -6.79 2.90
N SER D 110 31.91 -6.23 1.92
CA SER D 110 32.51 -5.23 1.04
C SER D 110 32.72 -3.91 1.76
N GLU D 111 31.66 -3.36 2.35
CA GLU D 111 31.72 -2.06 3.02
C GLU D 111 31.54 -2.22 4.52
N TRP D 112 32.19 -1.33 5.26
CA TRP D 112 32.16 -1.35 6.72
C TRP D 112 31.72 0.01 7.25
N GLY D 113 31.03 -0.02 8.39
CA GLY D 113 30.65 1.22 9.05
C GLY D 113 31.82 1.88 9.74
N GLN D 114 31.61 3.13 10.15
CA GLN D 114 32.67 3.88 10.81
C GLN D 114 33.00 3.31 12.18
N GLY D 115 32.05 2.64 12.83
CA GLY D 115 32.26 2.08 14.14
C GLY D 115 31.59 2.90 15.21
N THR D 116 31.02 2.21 16.20
CA THR D 116 30.32 2.85 17.32
C THR D 116 30.80 2.23 18.61
N LEU D 117 31.45 3.02 19.46
CA LEU D 117 32.00 2.54 20.72
C LEU D 117 30.93 2.67 21.81
N VAL D 118 30.38 1.53 22.23
CA VAL D 118 29.44 1.48 23.33
C VAL D 118 30.19 1.12 24.60
N THR D 119 30.00 1.91 25.65
CA THR D 119 30.70 1.73 26.91
C THR D 119 29.67 1.41 27.99
N VAL D 120 29.86 0.29 28.68
CA VAL D 120 28.99 -0.12 29.78
C VAL D 120 29.74 0.10 31.08
N SER D 121 29.18 0.94 31.95
CA SER D 121 29.80 1.26 33.23
C SER D 121 28.75 1.85 34.15
N SER D 122 28.96 1.65 35.45
CA SER D 122 28.08 2.21 36.47
C SER D 122 28.46 3.61 36.89
N ALA D 123 29.58 4.13 36.40
CA ALA D 123 30.01 5.48 36.74
C ALA D 123 29.28 6.50 35.87
N SER D 124 29.30 7.76 36.34
CA SER D 124 28.61 8.83 35.65
C SER D 124 29.48 9.41 34.55
N THR D 125 28.83 10.02 33.56
CA THR D 125 29.52 10.62 32.44
C THR D 125 30.08 11.99 32.84
N LYS D 126 31.37 12.20 32.59
CA LYS D 126 32.03 13.46 32.90
C LYS D 126 32.68 14.00 31.63
N GLY D 127 32.43 15.28 31.35
CA GLY D 127 32.98 15.93 30.17
C GLY D 127 34.46 16.20 30.30
N PRO D 128 35.11 16.51 29.19
CA PRO D 128 36.56 16.75 29.22
C PRO D 128 36.90 18.16 29.64
N SER D 129 37.99 18.28 30.41
CA SER D 129 38.58 19.56 30.75
C SER D 129 39.78 19.79 29.85
N VAL D 130 39.77 20.90 29.11
CA VAL D 130 40.76 21.16 28.08
C VAL D 130 41.79 22.16 28.61
N PHE D 131 43.06 21.92 28.28
CA PHE D 131 44.15 22.82 28.63
C PHE D 131 45.14 22.81 27.47
N PRO D 132 45.53 23.96 26.95
CA PRO D 132 46.40 24.00 25.77
C PRO D 132 47.86 23.81 26.13
N LEU D 133 48.68 23.67 25.10
CA LEU D 133 50.12 23.53 25.25
C LEU D 133 50.87 24.40 24.24
N THR D 144 62.46 23.11 13.56
CA THR D 144 61.21 23.86 13.60
C THR D 144 60.63 23.87 15.02
N ALA D 145 59.31 23.99 15.11
CA ALA D 145 58.60 23.99 16.39
C ALA D 145 57.39 23.09 16.26
N ALA D 146 56.56 23.07 17.31
CA ALA D 146 55.38 22.23 17.33
C ALA D 146 54.37 22.81 18.32
N LEU D 147 53.09 22.62 18.02
CA LEU D 147 52.00 23.08 18.86
C LEU D 147 51.16 21.89 19.30
N GLY D 148 50.79 21.86 20.57
CA GLY D 148 50.05 20.75 21.13
C GLY D 148 48.77 21.21 21.78
N CYS D 149 47.85 20.25 21.93
CA CYS D 149 46.55 20.50 22.55
C CYS D 149 46.15 19.24 23.31
N LEU D 150 45.99 19.37 24.62
CA LEU D 150 45.81 18.24 25.52
C LEU D 150 44.36 18.14 25.99
N VAL D 151 43.90 16.90 26.16
CA VAL D 151 42.57 16.61 26.69
C VAL D 151 42.74 15.76 27.94
N LYS D 152 42.11 16.17 29.04
CA LYS D 152 42.29 15.52 30.32
C LYS D 152 40.96 15.40 31.04
N ASP D 153 40.85 14.37 31.88
CA ASP D 153 39.72 14.17 32.79
C ASP D 153 38.40 14.06 32.03
N TYR D 154 38.32 13.05 31.17
CA TYR D 154 37.09 12.77 30.43
C TYR D 154 36.74 11.29 30.56
N PHE D 155 35.45 11.00 30.46
CA PHE D 155 34.92 9.65 30.61
C PHE D 155 33.51 9.58 30.03
N PRO D 156 33.22 8.57 29.19
CA PRO D 156 34.16 7.55 28.75
C PRO D 156 34.80 7.89 27.41
N GLU D 157 35.42 6.89 26.77
CA GLU D 157 35.97 7.06 25.45
C GLU D 157 34.85 7.17 24.42
N PRO D 158 35.15 7.72 23.22
CA PRO D 158 36.43 8.28 22.76
C PRO D 158 36.44 9.80 22.72
N VAL D 159 37.49 10.35 22.12
CA VAL D 159 37.63 11.78 21.90
C VAL D 159 38.32 11.97 20.54
N THR D 160 37.67 12.70 19.65
CA THR D 160 38.20 12.97 18.32
C THR D 160 38.85 14.35 18.30
N VAL D 161 40.09 14.41 17.83
CA VAL D 161 40.86 15.65 17.79
C VAL D 161 41.18 15.96 16.33
N SER D 162 40.92 17.19 15.92
CA SER D 162 41.20 17.63 14.55
C SER D 162 41.67 19.08 14.51
N GLY D 171 50.64 15.35 9.07
CA GLY D 171 51.67 15.19 10.09
C GLY D 171 51.15 15.30 11.50
N VAL D 172 49.83 15.48 11.64
CA VAL D 172 49.22 15.57 12.96
C VAL D 172 49.22 14.20 13.62
N HIS D 173 49.52 14.17 14.91
CA HIS D 173 49.57 12.95 15.69
C HIS D 173 48.55 13.03 16.83
N THR D 174 47.67 12.03 16.90
CA THR D 174 46.70 11.91 17.99
C THR D 174 47.15 10.79 18.91
N PHE D 175 47.23 11.09 20.20
CA PHE D 175 47.75 10.07 21.10
C PHE D 175 46.61 9.26 21.73
N PRO D 176 46.82 7.95 21.89
CA PRO D 176 45.81 7.12 22.55
C PRO D 176 45.61 7.53 24.00
N ALA D 177 44.40 7.31 24.48
CA ALA D 177 44.07 7.66 25.85
C ALA D 177 44.83 6.76 26.84
N VAL D 178 44.90 7.22 28.08
CA VAL D 178 45.54 6.48 29.17
C VAL D 178 44.65 6.58 30.40
N LEU D 179 44.42 5.45 31.06
CA LEU D 179 43.55 5.43 32.23
C LEU D 179 44.28 6.00 33.43
N GLN D 180 43.57 6.83 34.20
CA GLN D 180 44.11 7.45 35.40
C GLN D 180 43.61 6.71 36.64
N SER D 181 44.04 7.18 37.81
CA SER D 181 43.64 6.55 39.06
C SER D 181 42.20 6.84 39.44
N SER D 182 41.69 8.03 39.11
CA SER D 182 40.32 8.42 39.43
C SER D 182 39.30 7.86 38.44
N GLY D 183 39.74 7.00 37.51
CA GLY D 183 38.85 6.45 36.51
C GLY D 183 38.69 7.31 35.27
N LEU D 184 39.23 8.52 35.26
CA LEU D 184 39.12 9.40 34.11
C LEU D 184 40.18 9.05 33.06
N TYR D 185 39.91 9.45 31.82
CA TYR D 185 40.81 9.23 30.70
C TYR D 185 41.47 10.55 30.30
N SER D 186 42.55 10.44 29.54
CA SER D 186 43.29 11.62 29.09
C SER D 186 44.11 11.25 27.88
N LEU D 187 44.09 12.12 26.86
CA LEU D 187 44.89 11.92 25.66
C LEU D 187 45.40 13.26 25.18
N SER D 188 46.42 13.21 24.33
CA SER D 188 47.05 14.41 23.79
C SER D 188 47.06 14.35 22.27
N SER D 189 47.40 15.48 21.66
CA SER D 189 47.49 15.57 20.20
C SER D 189 48.33 16.79 19.86
N VAL D 190 49.38 16.59 19.08
CA VAL D 190 50.30 17.65 18.70
C VAL D 190 50.42 17.70 17.18
N VAL D 191 51.14 18.71 16.70
CA VAL D 191 51.37 18.89 15.27
C VAL D 191 52.58 19.78 15.09
N THR D 192 53.47 19.39 14.17
CA THR D 192 54.69 20.13 13.90
C THR D 192 54.41 21.21 12.86
N VAL D 193 54.70 22.46 13.21
CA VAL D 193 54.49 23.60 12.31
C VAL D 193 55.80 24.36 12.18
N PRO D 194 56.09 24.95 11.02
CA PRO D 194 57.31 25.76 10.88
C PRO D 194 57.25 27.00 11.74
N SER D 195 58.43 27.48 12.14
CA SER D 195 58.56 28.63 13.01
C SER D 195 58.47 29.96 12.27
N SER D 196 58.04 29.96 11.01
CA SER D 196 57.91 31.18 10.24
C SER D 196 56.52 31.79 10.31
N SER D 197 55.51 31.01 10.67
CA SER D 197 54.13 31.47 10.72
C SER D 197 53.55 31.28 12.13
N LEU D 198 54.35 31.60 13.15
CA LEU D 198 53.89 31.43 14.53
C LEU D 198 52.88 32.50 14.90
N GLY D 199 53.17 33.76 14.62
CA GLY D 199 52.28 34.86 14.95
C GLY D 199 51.28 35.23 13.88
N THR D 200 51.40 34.67 12.68
CA THR D 200 50.48 34.99 11.58
C THR D 200 49.22 34.13 11.64
N GLN D 201 49.37 32.82 11.61
CA GLN D 201 48.24 31.90 11.59
C GLN D 201 47.75 31.61 13.01
N THR D 202 46.55 31.06 13.09
CA THR D 202 45.93 30.70 14.36
C THR D 202 45.45 29.26 14.30
N TYR D 203 45.65 28.52 15.39
CA TYR D 203 45.30 27.11 15.46
C TYR D 203 44.33 26.88 16.62
N ILE D 204 43.22 26.20 16.34
CA ILE D 204 42.25 25.82 17.34
C ILE D 204 41.96 24.33 17.18
N CYS D 205 42.16 23.55 18.24
CA CYS D 205 41.90 22.13 18.20
C CYS D 205 40.41 21.86 18.36
N ASN D 206 39.85 21.11 17.41
CA ASN D 206 38.43 20.76 17.43
C ASN D 206 38.28 19.41 18.12
N VAL D 207 37.59 19.38 19.25
CA VAL D 207 37.45 18.20 20.07
C VAL D 207 35.99 18.03 20.47
N ASN D 208 35.44 16.85 20.23
CA ASN D 208 34.08 16.51 20.63
C ASN D 208 34.09 15.21 21.41
N HIS D 209 33.21 15.14 22.42
CA HIS D 209 33.05 13.95 23.25
C HIS D 209 31.58 13.55 23.19
N LYS D 210 31.27 12.54 22.37
CA LYS D 210 29.89 12.16 22.10
C LYS D 210 29.07 11.85 23.35
N PRO D 211 29.57 11.09 24.34
CA PRO D 211 28.75 10.86 25.55
C PRO D 211 28.37 12.14 26.27
N SER D 212 29.30 13.09 26.39
CA SER D 212 28.97 14.40 26.95
C SER D 212 28.39 15.34 25.90
N ASN D 213 28.65 15.08 24.62
CA ASN D 213 28.12 15.87 23.50
C ASN D 213 28.49 17.35 23.65
N THR D 214 29.77 17.60 23.84
CA THR D 214 30.29 18.94 24.02
C THR D 214 31.41 19.18 23.01
N LYS D 215 31.17 20.09 22.06
CA LYS D 215 32.17 20.47 21.08
C LYS D 215 32.92 21.71 21.57
N VAL D 216 34.22 21.55 21.80
CA VAL D 216 35.04 22.65 22.32
C VAL D 216 35.99 23.16 21.24
N GLU E 1 34.42 -27.47 17.27
CA GLU E 1 35.60 -28.12 16.72
C GLU E 1 36.34 -27.21 15.74
N LEU E 2 35.62 -26.28 15.13
CA LEU E 2 36.19 -25.39 14.13
C LEU E 2 36.86 -24.20 14.81
N VAL E 3 38.18 -24.09 14.64
CA VAL E 3 38.97 -23.02 15.21
C VAL E 3 39.92 -22.50 14.14
N LEU E 4 39.96 -21.18 13.96
CA LEU E 4 40.88 -20.53 13.03
C LEU E 4 42.11 -20.04 13.80
N THR E 5 43.30 -20.48 13.37
CA THR E 5 44.55 -20.12 14.01
C THR E 5 45.45 -19.43 12.98
N GLN E 6 45.90 -18.22 13.30
CA GLN E 6 46.83 -17.50 12.45
C GLN E 6 48.26 -17.68 12.95
N SER E 7 49.18 -17.80 12.01
CA SER E 7 50.59 -17.96 12.33
C SER E 7 51.41 -17.36 11.20
N PRO E 8 52.44 -16.53 11.51
CA PRO E 8 52.80 -16.15 12.89
C PRO E 8 51.92 -15.03 13.44
N LEU E 9 51.84 -14.92 14.75
CA LEU E 9 51.00 -13.90 15.36
C LEU E 9 51.59 -12.51 15.18
N SER E 10 52.91 -12.41 15.07
CA SER E 10 53.58 -11.14 14.79
C SER E 10 54.65 -11.41 13.74
N LEU E 11 54.60 -10.67 12.64
CA LEU E 11 55.51 -10.88 11.51
C LEU E 11 56.30 -9.61 11.21
N PRO E 12 57.51 -9.47 11.75
CA PRO E 12 58.34 -8.30 11.41
C PRO E 12 59.15 -8.53 10.13
N VAL E 13 58.97 -7.66 9.14
CA VAL E 13 59.73 -7.72 7.90
C VAL E 13 60.18 -6.30 7.55
N THR E 14 61.46 -6.15 7.26
CA THR E 14 61.97 -4.85 6.83
C THR E 14 61.35 -4.47 5.50
N LEU E 15 61.29 -3.16 5.25
CA LEU E 15 60.58 -2.64 4.09
C LEU E 15 61.19 -3.17 2.79
N GLY E 16 60.40 -3.95 2.06
CA GLY E 16 60.84 -4.52 0.81
C GLY E 16 61.14 -5.99 0.84
N GLN E 17 60.68 -6.71 1.86
CA GLN E 17 60.94 -8.14 1.99
C GLN E 17 59.63 -8.91 1.92
N PRO E 18 59.57 -9.99 1.15
CA PRO E 18 58.33 -10.76 1.06
C PRO E 18 57.92 -11.35 2.40
N ALA E 19 56.61 -11.40 2.63
CA ALA E 19 56.04 -11.92 3.86
C ALA E 19 54.94 -12.92 3.52
N SER E 20 54.53 -13.69 4.54
CA SER E 20 53.48 -14.68 4.36
C SER E 20 52.78 -14.90 5.69
N ILE E 21 51.46 -14.94 5.65
CA ILE E 21 50.63 -15.20 6.82
C ILE E 21 49.83 -16.47 6.56
N SER E 22 49.93 -17.43 7.47
CA SER E 22 49.22 -18.69 7.35
C SER E 22 48.04 -18.70 8.33
N CYS E 23 46.89 -19.18 7.84
CA CYS E 23 45.65 -19.24 8.61
C CYS E 23 45.05 -20.63 8.40
N ARG E 24 45.36 -21.55 9.31
CA ARG E 24 44.94 -22.93 9.18
C ARG E 24 43.66 -23.18 9.96
N SER E 25 42.79 -24.01 9.39
CA SER E 25 41.53 -24.39 10.01
C SER E 25 41.55 -25.88 10.35
N THR E 26 40.52 -26.31 11.09
CA THR E 26 40.38 -27.71 11.47
C THR E 26 39.39 -28.47 10.60
N GLN E 27 38.49 -27.77 9.92
CA GLN E 27 37.53 -28.38 9.01
C GLN E 27 37.74 -27.84 7.60
N SER E 28 37.38 -28.64 6.61
CA SER E 28 37.52 -28.21 5.22
C SER E 28 36.51 -27.12 4.89
N LEU E 29 36.97 -26.07 4.22
CA LEU E 29 36.13 -24.94 3.84
C LEU E 29 35.58 -25.08 2.43
N VAL E 30 35.54 -26.31 1.88
CA VAL E 30 35.13 -26.50 0.49
C VAL E 30 33.64 -26.19 0.28
N TYR E 31 32.83 -26.28 1.33
CA TYR E 31 31.40 -26.00 1.26
C TYR E 31 30.70 -26.91 0.25
N SER E 32 29.51 -26.50 -0.20
CA SER E 32 28.68 -27.34 -1.07
C SER E 32 29.05 -27.17 -2.54
N ASP E 33 28.97 -25.94 -3.05
CA ASP E 33 29.19 -25.65 -4.46
C ASP E 33 30.66 -25.34 -4.77
N GLY E 34 31.58 -25.84 -3.95
CA GLY E 34 32.97 -25.46 -4.09
C GLY E 34 33.20 -24.04 -3.60
N ASN E 35 34.22 -23.39 -4.18
CA ASN E 35 34.57 -22.02 -3.83
C ASN E 35 34.81 -21.90 -2.34
N THR E 36 36.02 -22.24 -1.89
CA THR E 36 36.35 -22.15 -0.47
C THR E 36 36.25 -20.71 0.00
N TYR E 37 35.37 -20.46 0.97
CA TYR E 37 35.04 -19.10 1.40
C TYR E 37 35.98 -18.69 2.54
N LEU E 38 37.21 -18.33 2.15
CA LEU E 38 38.19 -17.76 3.06
C LEU E 38 38.51 -16.35 2.57
N ASN E 39 38.43 -15.38 3.48
CA ASN E 39 38.60 -13.98 3.13
C ASN E 39 39.62 -13.35 4.06
N TRP E 40 40.45 -12.47 3.50
CA TRP E 40 41.49 -11.79 4.25
C TRP E 40 41.09 -10.33 4.42
N PHE E 41 41.40 -9.78 5.60
CA PHE E 41 41.02 -8.42 5.95
C PHE E 41 42.22 -7.69 6.51
N HIS E 42 42.11 -6.36 6.52
CA HIS E 42 43.19 -5.49 6.97
C HIS E 42 42.58 -4.34 7.75
N GLN E 43 42.88 -4.26 9.04
CA GLN E 43 42.36 -3.21 9.91
C GLN E 43 43.50 -2.30 10.34
N ARG E 44 43.43 -1.03 9.94
CA ARG E 44 44.38 -0.04 10.41
C ARG E 44 44.00 0.42 11.82
N ALA E 45 44.80 1.31 12.38
CA ALA E 45 44.50 1.89 13.67
C ALA E 45 43.52 3.04 13.51
N GLY E 46 42.41 2.99 14.24
CA GLY E 46 41.37 4.00 14.14
C GLY E 46 40.40 3.81 13.00
N GLN E 47 40.64 2.84 12.10
CA GLN E 47 39.77 2.60 10.97
C GLN E 47 39.23 1.18 11.00
N PRO E 48 38.01 0.97 10.51
CA PRO E 48 37.46 -0.39 10.45
C PRO E 48 38.20 -1.22 9.43
N PRO E 49 38.09 -2.55 9.50
CA PRO E 49 38.77 -3.41 8.53
C PRO E 49 38.25 -3.17 7.12
N ARG E 50 38.99 -3.71 6.14
CA ARG E 50 38.59 -3.63 4.75
C ARG E 50 39.08 -4.88 4.04
N ARG E 51 38.23 -5.45 3.21
CA ARG E 51 38.53 -6.72 2.56
C ARG E 51 39.49 -6.53 1.40
N LEU E 52 40.49 -7.40 1.31
CA LEU E 52 41.40 -7.44 0.18
C LEU E 52 41.30 -8.71 -0.63
N ILE E 53 40.90 -9.83 -0.03
CA ILE E 53 40.69 -11.09 -0.72
C ILE E 53 39.33 -11.62 -0.29
N TYR E 54 38.50 -12.03 -1.25
CA TYR E 54 37.17 -12.54 -0.94
C TYR E 54 36.96 -14.00 -1.31
N LYS E 55 37.97 -14.68 -1.87
CA LYS E 55 37.86 -16.10 -2.12
C LYS E 55 39.23 -16.72 -2.36
N VAL E 56 40.10 -16.64 -1.35
CA VAL E 56 41.44 -17.23 -1.38
C VAL E 56 42.29 -16.61 -2.48
N SER E 57 41.93 -16.88 -3.74
CA SER E 57 42.73 -16.43 -4.87
C SER E 57 42.22 -15.16 -5.54
N ASN E 58 40.96 -14.79 -5.32
CA ASN E 58 40.39 -13.63 -5.97
C ASN E 58 40.79 -12.35 -5.23
N ARG E 59 41.28 -11.37 -5.98
CA ARG E 59 41.72 -10.10 -5.42
C ARG E 59 40.61 -9.07 -5.54
N ASP E 60 40.43 -8.28 -4.48
CA ASP E 60 39.40 -7.25 -4.48
C ASP E 60 39.88 -6.03 -5.23
N SER E 61 38.92 -5.26 -5.76
CA SER E 61 39.24 -4.03 -6.47
C SER E 61 39.78 -2.99 -5.50
N GLY E 62 40.62 -2.09 -6.02
CA GLY E 62 41.26 -1.10 -5.19
C GLY E 62 42.35 -1.64 -4.30
N VAL E 63 42.87 -2.82 -4.60
CA VAL E 63 43.89 -3.47 -3.80
C VAL E 63 45.12 -3.66 -4.68
N PRO E 64 46.31 -3.29 -4.22
CA PRO E 64 47.51 -3.47 -5.05
C PRO E 64 47.75 -4.93 -5.38
N GLU E 65 48.37 -5.17 -6.54
CA GLU E 65 48.70 -6.50 -7.01
C GLU E 65 49.72 -7.21 -6.11
N ARG E 66 50.42 -6.47 -5.24
CA ARG E 66 51.40 -7.04 -4.31
C ARG E 66 50.80 -8.04 -3.33
N PHE E 67 49.50 -8.28 -3.34
CA PHE E 67 48.86 -9.25 -2.44
C PHE E 67 48.41 -10.48 -3.23
N SER E 68 48.56 -11.65 -2.62
CA SER E 68 48.15 -12.90 -3.27
C SER E 68 47.77 -13.91 -2.19
N GLY E 69 46.88 -14.83 -2.54
CA GLY E 69 46.46 -15.86 -1.62
C GLY E 69 46.62 -17.24 -2.23
N SER E 70 46.97 -18.20 -1.37
CA SER E 70 47.18 -19.58 -1.80
C SER E 70 46.63 -20.52 -0.74
N GLY E 71 46.67 -21.81 -1.05
CA GLY E 71 46.22 -22.83 -0.13
C GLY E 71 44.84 -23.36 -0.48
N SER E 72 44.54 -24.55 0.04
CA SER E 72 43.25 -25.19 -0.18
C SER E 72 42.95 -26.13 0.97
N GLY E 73 41.69 -26.15 1.39
CA GLY E 73 41.26 -27.02 2.47
C GLY E 73 41.60 -26.45 3.84
N THR E 74 42.52 -27.11 4.55
CA THR E 74 42.90 -26.66 5.88
C THR E 74 43.95 -25.56 5.83
N ASP E 75 45.03 -25.78 5.09
CA ASP E 75 46.12 -24.81 5.02
C ASP E 75 45.76 -23.66 4.08
N PHE E 76 46.14 -22.45 4.49
CA PHE E 76 45.93 -21.25 3.71
C PHE E 76 47.10 -20.30 3.93
N THR E 77 47.31 -19.40 2.95
CA THR E 77 48.48 -18.53 2.98
C THR E 77 48.18 -17.23 2.26
N LEU E 78 48.41 -16.10 2.95
CA LEU E 78 48.36 -14.76 2.36
C LEU E 78 49.80 -14.28 2.22
N LYS E 79 50.28 -14.19 0.98
CA LYS E 79 51.67 -13.87 0.70
C LYS E 79 51.76 -12.48 0.07
N ILE E 80 52.65 -11.65 0.61
CA ILE E 80 52.93 -10.32 0.08
C ILE E 80 54.32 -10.33 -0.53
N SER E 81 54.45 -9.74 -1.71
CA SER E 81 55.72 -9.75 -2.44
C SER E 81 56.56 -8.51 -2.12
N ARG E 82 56.06 -7.32 -2.46
CA ARG E 82 56.76 -6.07 -2.23
C ARG E 82 56.08 -5.35 -1.07
N VAL E 83 56.69 -5.42 0.11
CA VAL E 83 56.13 -4.77 1.29
C VAL E 83 56.48 -3.28 1.26
N GLU E 84 55.46 -2.44 1.39
CA GLU E 84 55.64 -0.99 1.46
C GLU E 84 55.35 -0.51 2.88
N ALA E 85 55.61 0.78 3.10
CA ALA E 85 55.26 1.39 4.38
C ALA E 85 53.76 1.51 4.57
N GLU E 86 52.97 1.27 3.52
CA GLU E 86 51.52 1.33 3.62
C GLU E 86 50.94 0.13 4.36
N ASP E 87 51.56 -1.04 4.20
CA ASP E 87 51.06 -2.28 4.79
C ASP E 87 51.45 -2.32 6.26
N VAL E 88 50.61 -1.74 7.10
CA VAL E 88 50.82 -1.76 8.55
C VAL E 88 49.46 -1.98 9.22
N GLY E 89 49.50 -2.63 10.39
CA GLY E 89 48.30 -2.93 11.14
C GLY E 89 48.14 -4.43 11.35
N ILE E 90 46.90 -4.85 11.52
CA ILE E 90 46.56 -6.24 11.80
C ILE E 90 45.87 -6.83 10.57
N TYR E 91 46.16 -8.10 10.29
CA TYR E 91 45.56 -8.83 9.18
C TYR E 91 44.71 -9.96 9.74
N TYR E 92 43.50 -10.12 9.21
CA TYR E 92 42.55 -11.11 9.68
C TYR E 92 42.21 -12.09 8.56
N CYS E 93 41.71 -13.25 8.95
CA CYS E 93 41.16 -14.23 8.03
C CYS E 93 39.80 -14.66 8.57
N MET E 94 38.75 -14.30 7.85
CA MET E 94 37.40 -14.72 8.22
C MET E 94 37.00 -15.94 7.40
N GLN E 95 36.09 -16.73 7.95
CA GLN E 95 35.56 -17.91 7.27
C GLN E 95 34.05 -17.76 7.12
N GLY E 96 33.53 -18.23 6.00
CA GLY E 96 32.11 -18.17 5.75
C GLY E 96 31.58 -19.46 5.15
N ALA E 97 32.30 -20.56 5.38
CA ALA E 97 31.87 -21.87 4.94
C ALA E 97 31.30 -22.71 6.08
N HIS E 98 31.14 -22.11 7.26
CA HIS E 98 30.65 -22.83 8.43
C HIS E 98 30.03 -21.83 9.39
N TRP E 99 28.81 -22.09 9.82
CA TRP E 99 28.10 -21.18 10.69
C TRP E 99 28.61 -21.29 12.13
N PRO E 100 28.83 -20.17 12.82
CA PRO E 100 28.70 -18.81 12.30
C PRO E 100 30.01 -18.30 11.68
N PRO E 101 29.95 -17.22 10.90
CA PRO E 101 31.20 -16.67 10.35
C PRO E 101 32.11 -16.15 11.46
N THR E 102 33.32 -16.69 11.50
CA THR E 102 34.30 -16.33 12.51
C THR E 102 35.52 -15.70 11.84
N PHE E 103 36.26 -14.91 12.61
CA PHE E 103 37.47 -14.26 12.15
C PHE E 103 38.70 -14.90 12.80
N GLY E 104 39.84 -14.67 12.18
CA GLY E 104 41.09 -15.17 12.72
C GLY E 104 41.53 -14.37 13.93
N GLY E 105 42.56 -14.91 14.60
CA GLY E 105 43.09 -14.24 15.77
C GLY E 105 43.71 -12.89 15.46
N GLY E 106 44.34 -12.77 14.31
CA GLY E 106 44.96 -11.51 13.90
C GLY E 106 46.47 -11.64 13.84
N THR E 107 47.07 -10.94 12.88
CA THR E 107 48.52 -10.92 12.70
C THR E 107 48.96 -9.47 12.59
N LYS E 108 49.70 -9.00 13.60
CA LYS E 108 50.19 -7.62 13.61
C LYS E 108 51.48 -7.55 12.81
N VAL E 109 51.46 -6.77 11.72
CA VAL E 109 52.60 -6.65 10.81
C VAL E 109 53.28 -5.31 11.07
N GLU E 110 54.58 -5.35 11.34
CA GLU E 110 55.38 -4.15 11.55
C GLU E 110 56.67 -4.27 10.75
N ILE E 111 57.23 -3.10 10.42
CA ILE E 111 58.44 -3.05 9.61
C ILE E 111 59.66 -2.81 10.49
N VAL E 115 66.52 3.31 10.58
CA VAL E 115 66.85 4.01 11.83
C VAL E 115 66.42 5.47 11.71
N ALA E 116 65.97 6.04 12.82
CA ALA E 116 65.52 7.42 12.86
C ALA E 116 65.98 8.08 14.15
N ALA E 117 65.92 9.41 14.16
CA ALA E 117 66.34 10.20 15.31
C ALA E 117 65.18 11.07 15.80
N PRO E 118 64.85 11.04 17.09
CA PRO E 118 63.74 11.85 17.58
C PRO E 118 64.12 13.31 17.76
N SER E 119 63.11 14.17 17.63
CA SER E 119 63.22 15.59 17.94
C SER E 119 62.43 15.84 19.21
N VAL E 120 63.13 16.13 20.30
CA VAL E 120 62.50 16.23 21.60
C VAL E 120 61.88 17.61 21.78
N PHE E 121 60.70 17.64 22.39
CA PHE E 121 60.00 18.88 22.71
C PHE E 121 59.54 18.82 24.16
N ILE E 122 59.15 19.97 24.70
CA ILE E 122 58.67 20.06 26.07
C ILE E 122 57.77 21.28 26.19
N PHE E 123 56.64 21.10 26.87
CA PHE E 123 55.64 22.15 27.02
C PHE E 123 55.37 22.42 28.49
N PRO E 124 55.35 23.67 28.92
CA PRO E 124 55.05 23.98 30.32
C PRO E 124 53.54 23.91 30.55
N PRO E 125 53.12 23.63 31.79
CA PRO E 125 51.68 23.60 32.08
C PRO E 125 51.08 25.00 32.05
N SER E 126 49.84 25.06 31.58
CA SER E 126 49.15 26.33 31.39
C SER E 126 48.65 26.89 32.72
N ASP E 127 48.46 28.22 32.74
CA ASP E 127 47.96 28.88 33.94
C ASP E 127 46.53 28.44 34.27
N GLU E 128 45.75 28.05 33.27
CA GLU E 128 44.40 27.56 33.53
C GLU E 128 44.43 26.28 34.37
N GLN E 129 45.49 25.48 34.23
CA GLN E 129 45.60 24.25 35.00
C GLN E 129 46.20 24.52 36.37
N LEU E 130 47.20 25.40 36.45
CA LEU E 130 47.77 25.76 37.75
C LEU E 130 46.77 26.47 38.63
N LYS E 131 45.80 27.17 38.02
CA LYS E 131 44.76 27.85 38.79
C LYS E 131 43.79 26.86 39.43
N SER E 132 43.65 25.66 38.88
CA SER E 132 42.74 24.66 39.43
C SER E 132 43.40 23.87 40.54
N GLY E 133 43.29 22.55 40.50
CA GLY E 133 43.79 21.71 41.57
C GLY E 133 45.22 21.23 41.37
N THR E 134 45.50 20.63 40.22
CA THR E 134 46.80 20.04 39.93
C THR E 134 47.34 20.60 38.62
N ALA E 135 48.57 20.19 38.28
CA ALA E 135 49.21 20.61 37.04
C ALA E 135 49.93 19.41 36.43
N SER E 136 50.20 19.51 35.13
CA SER E 136 50.81 18.41 34.38
C SER E 136 51.75 18.97 33.34
N VAL E 137 53.00 18.50 33.36
CA VAL E 137 54.00 18.88 32.37
C VAL E 137 54.13 17.75 31.36
N VAL E 138 54.39 18.10 30.11
CA VAL E 138 54.38 17.16 28.99
C VAL E 138 55.75 17.11 28.35
N CYS E 139 56.27 15.90 28.17
CA CYS E 139 57.46 15.64 27.37
C CYS E 139 57.04 14.93 26.10
N LEU E 140 57.74 15.21 25.00
CA LEU E 140 57.32 14.73 23.70
C LEU E 140 58.50 14.34 22.84
N LEU E 141 58.39 13.19 22.18
CA LEU E 141 59.31 12.77 21.12
C LEU E 141 58.49 12.59 19.85
N ASN E 142 58.86 13.30 18.79
CA ASN E 142 58.10 13.32 17.55
C ASN E 142 58.86 12.55 16.46
N ASN E 143 58.22 11.52 15.92
CA ASN E 143 58.73 10.76 14.78
C ASN E 143 60.08 10.12 15.07
N PHE E 144 60.08 8.90 15.60
CA PHE E 144 61.33 8.21 15.91
C PHE E 144 61.17 6.72 15.66
N TYR E 145 62.27 6.08 15.29
CA TYR E 145 62.33 4.65 15.04
C TYR E 145 63.68 4.14 15.56
N PRO E 146 63.70 2.97 16.23
CA PRO E 146 62.56 2.09 16.50
C PRO E 146 61.75 2.49 17.74
N ARG E 147 60.84 1.61 18.15
CA ARG E 147 59.99 1.90 19.30
C ARG E 147 60.76 1.89 20.62
N GLU E 148 61.91 1.21 20.67
CA GLU E 148 62.72 1.18 21.88
C GLU E 148 63.16 2.58 22.28
N ALA E 149 62.59 3.11 23.36
CA ALA E 149 62.93 4.42 23.85
C ALA E 149 62.76 4.45 25.37
N LYS E 150 63.44 5.40 25.99
CA LYS E 150 63.47 5.51 27.44
C LYS E 150 63.45 6.99 27.83
N VAL E 151 62.61 7.33 28.81
CA VAL E 151 62.49 8.68 29.30
C VAL E 151 62.78 8.69 30.79
N GLN E 152 63.30 9.82 31.27
CA GLN E 152 63.60 10.00 32.69
C GLN E 152 63.21 11.41 33.09
N TRP E 153 62.31 11.53 34.05
CA TRP E 153 61.84 12.83 34.52
C TRP E 153 62.66 13.27 35.73
N LYS E 154 63.27 14.44 35.63
CA LYS E 154 64.14 14.98 36.67
C LYS E 154 63.55 16.30 37.18
N VAL E 155 62.94 16.27 38.35
CA VAL E 155 62.44 17.47 39.02
C VAL E 155 63.56 17.99 39.90
N ASP E 156 64.11 19.16 39.55
CA ASP E 156 65.28 19.71 40.22
C ASP E 156 66.45 18.73 40.18
N ASN E 157 66.72 18.20 38.98
CA ASN E 157 67.82 17.27 38.70
C ASN E 157 67.69 15.95 39.45
N ALA E 158 66.61 15.72 40.18
CA ALA E 158 66.39 14.48 40.92
C ALA E 158 65.37 13.62 40.18
N LEU E 159 65.67 12.33 40.02
CA LEU E 159 64.79 11.44 39.28
C LEU E 159 63.40 11.37 39.92
N GLN E 160 62.39 11.14 39.09
CA GLN E 160 61.01 11.05 39.54
C GLN E 160 60.36 9.80 38.94
N SER E 161 59.45 9.22 39.71
CA SER E 161 58.71 8.04 39.27
C SER E 161 57.42 7.95 40.08
N GLY E 162 56.52 7.07 39.63
CA GLY E 162 55.23 6.88 40.25
C GLY E 162 54.13 7.75 39.67
N ASN E 163 54.49 8.91 39.11
CA ASN E 163 53.52 9.81 38.49
C ASN E 163 53.86 10.12 37.04
N SER E 164 54.82 9.41 36.45
CA SER E 164 55.23 9.63 35.07
C SER E 164 54.63 8.52 34.20
N GLN E 165 53.54 8.83 33.52
CA GLN E 165 52.86 7.91 32.62
C GLN E 165 53.17 8.27 31.17
N GLU E 166 53.37 7.26 30.34
CA GLU E 166 53.74 7.44 28.95
C GLU E 166 52.63 6.91 28.05
N SER E 167 52.76 7.20 26.76
CA SER E 167 51.79 6.76 25.77
C SER E 167 52.47 6.72 24.41
N VAL E 168 52.32 5.60 23.69
CA VAL E 168 52.93 5.41 22.38
C VAL E 168 51.82 5.33 21.34
N THR E 169 52.05 5.91 20.17
CA THR E 169 51.09 5.87 19.09
C THR E 169 51.34 4.65 18.20
N GLU E 170 50.40 4.45 17.27
CA GLU E 170 50.55 3.39 16.28
C GLU E 170 51.68 3.72 15.32
N GLN E 171 52.31 2.67 14.78
CA GLN E 171 53.35 2.85 13.78
C GLN E 171 52.75 3.49 12.54
N ASP E 172 53.10 4.75 12.29
CA ASP E 172 52.48 5.52 11.22
C ASP E 172 52.74 4.87 9.87
N SER E 173 51.68 4.72 9.08
CA SER E 173 51.79 4.14 7.74
C SER E 173 52.49 5.06 6.75
N LYS E 174 52.72 6.32 7.13
CA LYS E 174 53.35 7.28 6.22
C LYS E 174 54.84 7.03 6.09
N ASP E 175 55.56 7.12 7.21
CA ASP E 175 57.03 7.00 7.20
C ASP E 175 57.54 5.92 8.15
N SER E 176 56.67 5.07 8.69
CA SER E 176 57.06 3.96 9.56
C SER E 176 57.78 4.46 10.82
N THR E 177 57.18 5.45 11.48
CA THR E 177 57.73 6.04 12.68
C THR E 177 56.72 5.97 13.81
N TYR E 178 57.19 6.24 15.03
CA TYR E 178 56.39 6.19 16.24
C TYR E 178 56.31 7.58 16.87
N SER E 179 55.64 7.66 18.01
CA SER E 179 55.52 8.90 18.76
C SER E 179 55.22 8.56 20.22
N LEU E 180 55.78 9.33 21.13
CA LEU E 180 55.62 9.08 22.55
C LEU E 180 55.35 10.39 23.27
N SER E 181 54.53 10.33 24.31
CA SER E 181 54.20 11.49 25.12
C SER E 181 54.23 11.10 26.59
N SER E 182 55.09 11.77 27.36
CA SER E 182 55.18 11.55 28.80
C SER E 182 54.40 12.62 29.55
N THR E 183 53.89 12.25 30.72
CA THR E 183 53.05 13.15 31.51
C THR E 183 53.36 12.95 32.99
N LEU E 184 53.61 14.05 33.69
CA LEU E 184 53.90 14.03 35.12
C LEU E 184 52.82 14.85 35.82
N THR E 185 51.99 14.17 36.60
CA THR E 185 50.88 14.80 37.32
C THR E 185 51.27 14.98 38.78
N LEU E 186 51.35 16.23 39.23
CA LEU E 186 51.63 16.55 40.61
C LEU E 186 50.63 17.59 41.10
N SER E 187 50.44 17.63 42.42
CA SER E 187 49.54 18.60 43.01
C SER E 187 50.11 20.01 42.88
N LYS E 188 49.29 20.99 43.24
CA LYS E 188 49.69 22.39 43.11
C LYS E 188 50.85 22.72 44.03
N ALA E 189 50.77 22.29 45.29
CA ALA E 189 51.82 22.60 46.25
C ALA E 189 53.11 21.87 45.92
N ASP E 190 53.01 20.61 45.46
CA ASP E 190 54.21 19.85 45.12
C ASP E 190 54.88 20.36 43.86
N TYR E 191 54.19 21.14 43.05
CA TYR E 191 54.77 21.72 41.84
C TYR E 191 55.51 23.02 42.11
N GLU E 192 55.00 23.83 43.03
CA GLU E 192 55.64 25.12 43.33
C GLU E 192 56.92 24.95 44.13
N LYS E 193 57.09 23.84 44.83
CA LYS E 193 58.27 23.57 45.65
C LYS E 193 59.53 23.30 44.83
N HIS E 194 59.52 23.49 43.51
CA HIS E 194 60.68 23.21 42.68
C HIS E 194 60.77 24.24 41.57
N LYS E 195 61.96 24.34 40.98
CA LYS E 195 62.20 25.27 39.89
C LYS E 195 62.72 24.53 38.66
N TYR E 197 62.71 21.83 35.77
CA TYR E 197 62.07 20.66 35.18
C TYR E 197 62.70 20.30 33.85
N ALA E 198 63.03 19.01 33.68
CA ALA E 198 63.65 18.54 32.45
C ALA E 198 63.45 17.03 32.37
N CYS E 199 63.07 16.55 31.19
CA CYS E 199 62.90 15.13 30.93
C CYS E 199 64.09 14.61 30.15
N GLU E 200 64.79 13.64 30.73
CA GLU E 200 65.94 13.02 30.06
C GLU E 200 65.48 11.95 29.09
N VAL E 201 66.08 11.94 27.90
CA VAL E 201 65.65 11.08 26.81
C VAL E 201 66.87 10.35 26.24
N THR E 202 66.76 9.03 26.10
CA THR E 202 67.79 8.20 25.49
C THR E 202 67.21 7.49 24.27
N HIS E 203 68.06 7.28 23.26
CA HIS E 203 67.62 6.63 22.03
C HIS E 203 68.81 5.96 21.36
N GLN E 204 68.54 5.17 20.32
CA GLN E 204 69.60 4.45 19.64
C GLN E 204 70.23 5.31 18.54
N GLY E 205 69.39 5.98 17.75
CA GLY E 205 69.89 6.82 16.68
C GLY E 205 70.69 8.02 17.14
N LEU E 206 70.54 8.40 18.41
CA LEU E 206 71.28 9.53 18.95
C LEU E 206 72.66 9.09 19.43
N SER E 207 73.50 10.08 19.75
CA SER E 207 74.83 9.82 20.25
C SER E 207 74.98 10.07 21.75
N SER E 208 74.05 10.81 22.35
CA SER E 208 74.10 11.11 23.78
C SER E 208 72.70 11.42 24.25
N PRO E 209 72.41 11.23 25.55
CA PRO E 209 71.07 11.55 26.07
C PRO E 209 70.69 13.00 25.86
N VAL E 210 69.74 13.25 24.96
CA VAL E 210 69.27 14.61 24.69
C VAL E 210 68.21 14.96 25.73
N THR E 211 68.31 16.17 26.29
CA THR E 211 67.43 16.62 27.34
C THR E 211 67.04 18.07 27.10
N LYS E 212 65.75 18.37 27.31
CA LYS E 212 65.23 19.72 27.17
C LYS E 212 64.68 20.18 28.52
N SER E 213 64.70 21.50 28.71
CA SER E 213 64.20 22.09 29.96
C SER E 213 63.45 23.40 29.70
N VAL F 5 -44.96 20.17 17.15
CA VAL F 5 -45.79 20.05 15.96
C VAL F 5 -46.92 19.04 16.19
N THR F 6 -47.98 19.15 15.40
CA THR F 6 -49.11 18.24 15.50
C THR F 6 -49.55 17.83 14.09
N THR F 7 -50.23 16.69 14.03
CA THR F 7 -50.72 16.15 12.76
C THR F 7 -52.10 16.73 12.47
N TYR F 8 -52.17 17.64 11.50
CA TYR F 8 -53.42 18.28 11.12
C TYR F 8 -54.06 17.53 9.97
N LYS F 9 -55.29 17.08 10.16
CA LYS F 9 -56.04 16.46 9.08
C LYS F 9 -56.73 17.52 8.23
N LEU F 10 -57.27 17.10 7.09
CA LEU F 10 -57.99 17.99 6.20
C LEU F 10 -59.04 17.19 5.45
N VAL F 11 -60.24 17.75 5.34
CA VAL F 11 -61.35 17.12 4.62
C VAL F 11 -61.75 18.04 3.48
N ILE F 12 -61.76 17.51 2.27
CA ILE F 12 -62.16 18.24 1.07
C ILE F 12 -63.53 17.73 0.64
N ASN F 13 -64.49 18.65 0.56
CA ASN F 13 -65.86 18.32 0.17
C ASN F 13 -66.25 19.04 -1.12
N GLY F 14 -65.34 19.06 -2.08
CA GLY F 14 -65.64 19.68 -3.36
C GLY F 14 -66.66 18.90 -4.15
N LYS F 15 -67.20 19.55 -5.18
CA LYS F 15 -68.22 18.92 -6.01
C LYS F 15 -67.64 17.79 -6.85
N THR F 16 -66.41 17.95 -7.32
CA THR F 16 -65.73 16.94 -8.12
C THR F 16 -64.60 16.23 -7.38
N LEU F 17 -63.78 16.98 -6.65
CA LEU F 17 -62.65 16.42 -5.93
C LEU F 17 -63.04 16.21 -4.47
N LYS F 18 -62.92 14.98 -3.98
CA LYS F 18 -63.21 14.63 -2.60
C LYS F 18 -62.08 13.77 -2.06
N GLY F 19 -61.80 13.92 -0.78
CA GLY F 19 -60.77 13.13 -0.15
C GLY F 19 -60.25 13.80 1.11
N GLU F 20 -59.05 13.39 1.52
CA GLU F 20 -58.44 13.88 2.75
C GLU F 20 -56.93 13.91 2.59
N THR F 21 -56.27 14.64 3.48
CA THR F 21 -54.82 14.73 3.50
C THR F 21 -54.38 15.32 4.83
N THR F 22 -53.11 15.09 5.17
CA THR F 22 -52.53 15.57 6.41
C THR F 22 -51.26 16.35 6.11
N THR F 23 -50.74 17.02 7.14
CA THR F 23 -49.51 17.79 7.02
C THR F 23 -48.88 17.89 8.40
N LYS F 24 -47.71 18.52 8.47
CA LYS F 24 -46.97 18.73 9.71
C LYS F 24 -46.50 20.16 9.77
N ALA F 25 -46.91 20.89 10.81
CA ALA F 25 -46.50 22.26 11.01
C ALA F 25 -46.58 22.58 12.50
N VAL F 26 -46.15 23.79 12.86
CA VAL F 26 -46.10 24.18 14.27
C VAL F 26 -47.50 24.40 14.83
N ASP F 27 -48.23 25.35 14.25
CA ASP F 27 -49.57 25.71 14.72
C ASP F 27 -50.57 25.57 13.58
N ALA F 28 -51.85 25.70 13.94
CA ALA F 28 -52.93 25.62 12.95
C ALA F 28 -52.93 26.81 12.01
N GLU F 29 -52.35 27.93 12.42
CA GLU F 29 -52.27 29.10 11.54
C GLU F 29 -51.17 28.93 10.50
N THR F 30 -50.03 28.36 10.90
CA THR F 30 -48.97 28.09 9.93
C THR F 30 -49.32 26.92 9.02
N ALA F 31 -50.11 25.97 9.52
CA ALA F 31 -50.56 24.85 8.72
C ALA F 31 -51.79 25.19 7.87
N GLU F 32 -52.34 26.40 8.03
CA GLU F 32 -53.52 26.78 7.24
C GLU F 32 -53.14 27.21 5.84
N LYS F 33 -51.98 27.87 5.67
CA LYS F 33 -51.55 28.28 4.34
C LYS F 33 -51.24 27.09 3.45
N ALA F 34 -50.71 26.01 4.03
CA ALA F 34 -50.39 24.83 3.23
C ALA F 34 -51.64 24.14 2.72
N PHE F 35 -52.75 24.25 3.45
CA PHE F 35 -54.00 23.65 2.99
C PHE F 35 -54.67 24.49 1.92
N LYS F 36 -54.74 25.82 2.12
CA LYS F 36 -55.28 26.69 1.08
C LYS F 36 -54.45 26.64 -0.19
N GLN F 37 -53.13 26.48 -0.05
CA GLN F 37 -52.29 26.30 -1.23
C GLN F 37 -52.56 24.98 -1.92
N TYR F 38 -52.81 23.92 -1.13
CA TYR F 38 -53.12 22.62 -1.71
C TYR F 38 -54.49 22.61 -2.36
N ALA F 39 -55.49 23.20 -1.68
CA ALA F 39 -56.84 23.20 -2.23
C ALA F 39 -56.97 24.09 -3.46
N ASN F 40 -56.15 25.15 -3.54
CA ASN F 40 -56.22 26.04 -4.69
C ASN F 40 -55.51 25.46 -5.91
N ASP F 41 -54.44 24.69 -5.70
CA ASP F 41 -53.76 24.07 -6.82
C ASP F 41 -54.63 23.00 -7.49
N ASN F 42 -55.56 22.41 -6.74
CA ASN F 42 -56.50 21.44 -7.29
C ASN F 42 -57.76 22.09 -7.85
N GLY F 43 -57.92 23.39 -7.68
CA GLY F 43 -59.10 24.08 -8.18
C GLY F 43 -60.27 24.15 -7.22
N VAL F 44 -60.04 23.95 -5.93
CA VAL F 44 -61.10 23.96 -4.93
C VAL F 44 -61.01 25.30 -4.18
N ASP F 45 -61.98 26.17 -4.43
CA ASP F 45 -62.06 27.48 -3.77
C ASP F 45 -63.39 27.51 -3.01
N GLY F 46 -63.34 27.16 -1.72
CA GLY F 46 -64.54 27.04 -0.93
C GLY F 46 -64.50 27.73 0.41
N VAL F 47 -65.37 27.32 1.33
CA VAL F 47 -65.50 27.90 2.66
C VAL F 47 -64.82 26.98 3.66
N TRP F 48 -64.00 27.57 4.54
CA TRP F 48 -63.14 26.81 5.44
C TRP F 48 -63.67 26.88 6.87
N THR F 49 -63.75 25.72 7.52
CA THR F 49 -64.06 25.60 8.93
C THR F 49 -62.90 24.89 9.63
N TYR F 50 -62.92 24.91 10.96
CA TYR F 50 -61.85 24.33 11.77
C TYR F 50 -62.45 23.60 12.95
N ASP F 51 -62.11 22.32 13.08
CA ASP F 51 -62.50 21.51 14.23
C ASP F 51 -61.33 21.48 15.21
N ASP F 52 -61.53 22.06 16.39
CA ASP F 52 -60.48 22.17 17.38
C ASP F 52 -60.25 20.87 18.16
N ALA F 53 -61.09 19.85 17.95
CA ALA F 53 -60.93 18.58 18.66
C ALA F 53 -59.79 17.77 18.07
N THR F 54 -59.95 17.32 16.83
CA THR F 54 -58.94 16.51 16.15
C THR F 54 -58.00 17.35 15.30
N LYS F 55 -58.05 18.67 15.43
CA LYS F 55 -57.16 19.59 14.69
C LYS F 55 -57.28 19.36 13.19
N THR F 56 -58.49 19.58 12.68
CA THR F 56 -58.83 19.26 11.29
C THR F 56 -59.56 20.42 10.64
N PHE F 57 -59.17 20.74 9.41
CA PHE F 57 -59.86 21.74 8.60
C PHE F 57 -60.90 21.07 7.71
N THR F 58 -61.73 21.91 7.08
CA THR F 58 -62.78 21.41 6.19
C THR F 58 -63.12 22.52 5.20
N VAL F 59 -63.02 22.22 3.90
CA VAL F 59 -63.31 23.18 2.84
C VAL F 59 -64.48 22.65 2.01
N THR F 60 -65.45 23.51 1.73
CA THR F 60 -66.62 23.17 0.95
C THR F 60 -66.89 24.26 -0.08
N GLU F 61 -66.99 23.86 -1.34
CA GLU F 61 -67.28 24.80 -2.42
C GLU F 61 -68.75 25.21 -2.43
C1 NAG G . 3.63 -20.59 -17.50
C2 NAG G . 3.98 -19.87 -18.81
C3 NAG G . 3.62 -20.73 -20.02
C4 NAG G . 4.28 -22.10 -19.91
C5 NAG G . 3.87 -22.75 -18.59
C6 NAG G . 4.52 -24.08 -18.35
C7 NAG G . 3.93 -17.47 -19.33
C8 NAG G . 3.11 -16.23 -19.36
N2 NAG G . 3.31 -18.57 -18.90
O3 NAG G . 4.05 -20.07 -21.21
O4 NAG G . 3.90 -22.92 -21.00
O5 NAG G . 4.24 -21.90 -17.50
O6 NAG G . 5.83 -23.94 -17.81
O7 NAG G . 5.12 -17.48 -19.66
C1 NAG G . 5.05 -23.29 -21.79
C2 NAG G . 4.73 -24.57 -22.56
C3 NAG G . 5.93 -24.98 -23.42
C4 NAG G . 6.34 -23.82 -24.32
C5 NAG G . 6.59 -22.56 -23.49
C6 NAG G . 6.90 -21.36 -24.34
C7 NAG G . 3.13 -26.13 -21.54
C8 NAG G . 2.94 -27.24 -20.54
N2 NAG G . 4.37 -25.64 -21.64
O3 NAG G . 5.58 -26.12 -24.21
O4 NAG G . 7.52 -24.16 -25.04
O5 NAG G . 5.43 -22.25 -22.71
O6 NAG G . 5.71 -20.75 -24.84
O7 NAG G . 2.20 -25.69 -22.21
C1 NAG H . -4.49 -13.53 -21.67
C2 NAG H . -4.42 -12.10 -22.22
C3 NAG H . -5.23 -11.99 -23.50
C4 NAG H . -4.79 -13.06 -24.50
C5 NAG H . -4.84 -14.43 -23.86
C6 NAG H . -4.29 -15.52 -24.76
C7 NAG H . -4.19 -10.02 -20.94
C8 NAG H . -4.82 -9.13 -19.90
N2 NAG H . -4.88 -11.13 -21.24
O3 NAG H . -5.07 -10.70 -24.06
O4 NAG H . -5.64 -13.03 -25.65
O5 NAG H . -4.05 -14.45 -22.66
O6 NAG H . -3.19 -16.19 -24.15
O7 NAG H . -3.13 -9.75 -21.47
C1 NAG I . -7.85 -36.31 -1.08
C2 NAG I . -7.50 -37.23 -2.25
C3 NAG I . -8.56 -37.12 -3.35
C4 NAG I . -9.95 -37.34 -2.79
C5 NAG I . -10.20 -36.41 -1.60
C6 NAG I . -11.52 -36.68 -0.91
C7 NAG I . -5.30 -37.90 -3.10
C8 NAG I . -3.97 -37.43 -3.63
N2 NAG I . -6.17 -36.94 -2.78
O3 NAG I . -8.28 -38.07 -4.38
O4 NAG I . -10.93 -37.10 -3.78
O5 NAG I . -9.17 -36.61 -0.61
O6 NAG I . -11.82 -35.64 0.02
O7 NAG I . -5.56 -39.10 -2.98
#